data_8GM8
#
_entry.id   8GM8
#
_cell.length_a   59.065
_cell.length_b   89.865
_cell.length_c   90.080
_cell.angle_alpha   63.570
_cell.angle_beta   78.250
_cell.angle_gamma   80.350
#
_symmetry.space_group_name_H-M   'P 1'
#
loop_
_entity.id
_entity.type
_entity.pdbx_description
1 polymer 'MHC class I protein'
2 polymer Beta-2-microglobulin
3 non-polymer 2-acetamido-2-deoxy-beta-D-glucopyranose
#
loop_
_entity_poly.entity_id
_entity_poly.type
_entity_poly.pdbx_seq_one_letter_code
_entity_poly.pdbx_strand_id
1 'polypeptide(L)'
;GSHTLQYLFIYAPQHPDLPELSMSGMLDDLQIEYYDSSLKQIQPRQQWMASKITEDYWQEQNMAVDALQNHIFRKIAPLV
TILGIRYIQVLWKCTVENSQNTTAFVKLNVHGLGVVDCDLFTVRCRGLGVFSVLIGMIEDILKNDPTFIQLLNPRCVENL
QTVLRAGKTALERKVTPQVLVFERSSTAEMSTPLLCLITAFYPRTINATWLRKGEPVSEDLTVMVLPNHDATYRMEILID
IKNNDPSNYYCQVQHCSLPEALRVT
;
A,C,E
2 'polypeptide(L)'
;PGSPNVQVYTYKLIKEGESNVLLCHAKDFSPPNIKLELLENGRIIPNTTQSDLSFESDWSFKLTRYVEFTPQSGYKYSCM
VTHNGDSKEIQLDAY
;
B,D,F
#
# COMPACT_ATOMS: atom_id res chain seq x y z
N GLY A 1 -42.90 -2.15 1.81
CA GLY A 1 -41.52 -1.74 2.02
C GLY A 1 -40.60 -1.98 0.83
N SER A 2 -39.33 -1.61 0.98
CA SER A 2 -38.30 -1.89 -0.03
C SER A 2 -37.78 -3.32 0.08
N HIS A 3 -37.30 -3.85 -1.03
CA HIS A 3 -36.75 -5.21 -1.02
C HIS A 3 -35.61 -5.32 -2.02
N THR A 4 -34.45 -5.79 -1.55
CA THR A 4 -33.27 -5.89 -2.44
C THR A 4 -32.90 -7.34 -2.70
N LEU A 5 -32.53 -7.67 -3.95
CA LEU A 5 -32.00 -9.03 -4.24
C LEU A 5 -30.51 -8.85 -4.48
N GLN A 6 -29.67 -9.41 -3.61
CA GLN A 6 -28.22 -9.20 -3.68
C GLN A 6 -27.54 -10.50 -4.08
N TYR A 7 -26.50 -10.46 -4.91
CA TYR A 7 -25.60 -11.60 -5.02
C TYR A 7 -24.20 -11.11 -4.73
N LEU A 8 -23.52 -11.72 -3.73
CA LEU A 8 -22.25 -11.23 -3.19
C LEU A 8 -21.14 -12.16 -3.62
N PHE A 9 -20.37 -11.74 -4.62
CA PHE A 9 -19.32 -12.58 -5.17
C PHE A 9 -18.00 -12.27 -4.51
N ILE A 10 -17.09 -13.26 -4.54
CA ILE A 10 -15.70 -13.07 -4.15
C ILE A 10 -14.85 -13.73 -5.22
N TYR A 11 -13.99 -12.96 -5.87
CA TYR A 11 -13.13 -13.49 -6.91
C TYR A 11 -11.70 -13.47 -6.40
N ALA A 12 -11.05 -14.63 -6.40
CA ALA A 12 -9.71 -14.77 -5.84
C ALA A 12 -8.96 -15.79 -6.68
N PRO A 13 -8.37 -15.34 -7.81
CA PRO A 13 -7.79 -16.29 -8.76
C PRO A 13 -6.41 -16.66 -8.28
N GLN A 14 -6.07 -17.93 -8.47
CA GLN A 14 -4.82 -18.48 -7.96
C GLN A 14 -4.66 -18.27 -6.45
N HIS A 15 -5.74 -18.07 -5.69
CA HIS A 15 -5.60 -18.03 -4.24
C HIS A 15 -5.46 -19.46 -3.74
N PRO A 16 -4.46 -19.75 -2.91
CA PRO A 16 -4.25 -21.16 -2.50
C PRO A 16 -5.29 -21.64 -1.50
N ASP A 17 -5.80 -20.77 -0.61
CA ASP A 17 -6.78 -21.22 0.38
C ASP A 17 -8.21 -21.11 -0.15
N LEU A 18 -8.53 -20.02 -0.89
CA LEU A 18 -9.89 -19.81 -1.35
C LEU A 18 -10.07 -20.34 -2.77
N PRO A 19 -11.30 -20.68 -3.17
CA PRO A 19 -11.57 -21.09 -4.55
C PRO A 19 -11.66 -19.85 -5.42
N GLU A 20 -11.96 -20.05 -6.70
CA GLU A 20 -11.90 -18.90 -7.60
C GLU A 20 -13.09 -17.96 -7.39
N LEU A 21 -14.27 -18.50 -7.11
CA LEU A 21 -15.48 -17.70 -7.10
C LEU A 21 -16.43 -18.19 -6.03
N SER A 22 -16.92 -17.30 -5.14
CA SER A 22 -18.01 -17.58 -4.21
C SER A 22 -19.11 -16.64 -4.59
N MET A 23 -20.34 -16.99 -4.18
CA MET A 23 -21.53 -16.37 -4.75
C MET A 23 -22.52 -15.79 -3.74
N SER A 24 -22.91 -16.54 -2.70
CA SER A 24 -23.84 -15.96 -1.67
C SER A 24 -25.10 -15.50 -2.41
N GLY A 25 -25.65 -14.37 -1.99
CA GLY A 25 -26.94 -13.97 -2.57
C GLY A 25 -28.00 -14.02 -1.49
N MET A 26 -28.69 -12.92 -1.26
CA MET A 26 -29.62 -12.91 -0.10
C MET A 26 -30.85 -12.05 -0.33
N LEU A 27 -32.03 -12.64 -0.19
CA LEU A 27 -33.28 -11.88 -0.23
C LEU A 27 -33.32 -11.05 1.03
N ASP A 28 -32.86 -9.82 0.95
CA ASP A 28 -32.80 -8.98 2.15
C ASP A 28 -31.85 -9.69 3.12
N ASP A 29 -32.13 -9.61 4.43
CA ASP A 29 -31.64 -10.48 5.50
C ASP A 29 -31.21 -11.87 5.02
N LEU A 30 -32.07 -12.53 4.28
CA LEU A 30 -32.05 -13.98 4.27
C LEU A 30 -31.10 -14.44 3.19
N GLN A 31 -30.01 -15.05 3.60
CA GLN A 31 -29.19 -15.67 2.58
C GLN A 31 -29.96 -16.81 1.94
N ILE A 32 -30.09 -16.77 0.61
CA ILE A 32 -30.97 -17.70 -0.09
C ILE A 32 -30.22 -18.76 -0.87
N GLU A 33 -28.93 -18.61 -1.13
CA GLU A 33 -28.25 -19.61 -1.94
C GLU A 33 -26.77 -19.34 -1.91
N TYR A 34 -26.01 -20.26 -2.50
CA TYR A 34 -24.55 -20.25 -2.37
C TYR A 34 -23.93 -21.07 -3.49
N TYR A 35 -22.93 -20.49 -4.16
CA TYR A 35 -22.15 -21.25 -5.13
C TYR A 35 -20.67 -20.88 -4.99
N ASP A 36 -19.80 -21.88 -5.21
CA ASP A 36 -18.38 -21.64 -5.41
C ASP A 36 -17.80 -22.65 -6.40
N SER A 37 -16.52 -22.44 -6.75
CA SER A 37 -15.94 -23.12 -7.91
C SER A 37 -15.78 -24.61 -7.70
N SER A 38 -15.67 -25.04 -6.44
CA SER A 38 -15.52 -26.45 -6.13
C SER A 38 -16.83 -27.20 -6.25
N LEU A 39 -17.97 -26.54 -5.96
CA LEU A 39 -19.22 -27.25 -5.74
C LEU A 39 -19.85 -27.74 -7.04
N LYS A 40 -19.76 -26.95 -8.11
CA LYS A 40 -20.26 -27.32 -9.44
C LYS A 40 -21.80 -27.47 -9.50
N GLN A 41 -22.52 -26.70 -8.69
CA GLN A 41 -23.98 -26.54 -8.75
C GLN A 41 -24.40 -25.63 -7.61
N ILE A 42 -25.41 -24.76 -7.78
CA ILE A 42 -25.72 -23.86 -6.67
C ILE A 42 -26.39 -24.68 -5.55
N GLN A 43 -26.24 -24.22 -4.31
CA GLN A 43 -26.99 -24.85 -3.25
C GLN A 43 -27.83 -23.80 -2.56
N PRO A 44 -29.02 -24.16 -2.11
CA PRO A 44 -29.89 -23.18 -1.45
C PRO A 44 -29.62 -23.18 0.04
N ARG A 45 -30.00 -22.09 0.67
CA ARG A 45 -29.58 -21.83 2.03
C ARG A 45 -30.79 -21.53 2.90
N GLN A 46 -31.97 -21.71 2.36
CA GLN A 46 -33.17 -21.74 3.15
C GLN A 46 -33.97 -22.94 2.67
N GLN A 47 -34.67 -23.60 3.60
CA GLN A 47 -35.63 -24.64 3.22
C GLN A 47 -36.61 -24.13 2.14
N TRP A 48 -37.24 -22.98 2.40
CA TRP A 48 -38.24 -22.48 1.46
C TRP A 48 -37.65 -22.18 0.10
N MET A 49 -36.37 -21.81 0.02
CA MET A 49 -35.72 -21.78 -1.29
C MET A 49 -35.70 -23.17 -1.90
N ALA A 50 -35.61 -24.20 -1.09
CA ALA A 50 -35.51 -25.52 -1.67
C ALA A 50 -36.87 -26.08 -2.02
N SER A 51 -37.95 -25.48 -1.51
CA SER A 51 -39.29 -26.04 -1.68
C SER A 51 -40.22 -25.11 -2.43
N LYS A 52 -40.48 -23.89 -1.92
CA LYS A 52 -41.38 -22.98 -2.60
C LYS A 52 -40.70 -22.31 -3.79
N ILE A 53 -39.75 -22.96 -4.45
CA ILE A 53 -39.07 -22.30 -5.57
C ILE A 53 -38.96 -23.27 -6.72
N THR A 54 -39.45 -22.83 -7.89
CA THR A 54 -39.39 -23.60 -9.12
C THR A 54 -37.98 -24.11 -9.34
N GLU A 55 -37.88 -25.27 -9.98
CA GLU A 55 -36.59 -25.69 -10.49
C GLU A 55 -36.11 -24.70 -11.57
N ASP A 56 -37.01 -24.26 -12.45
CA ASP A 56 -36.54 -23.42 -13.56
C ASP A 56 -35.82 -22.17 -13.09
N TYR A 57 -35.95 -21.83 -11.82
CA TYR A 57 -35.12 -20.78 -11.25
C TYR A 57 -33.65 -21.21 -11.22
N TRP A 58 -33.38 -22.47 -10.85
CA TRP A 58 -32.01 -22.88 -10.56
C TRP A 58 -31.19 -23.16 -11.81
N GLN A 59 -31.84 -23.61 -12.88
CA GLN A 59 -31.09 -23.83 -14.15
C GLN A 59 -30.67 -22.49 -14.72
N GLU A 60 -31.42 -21.44 -14.41
CA GLU A 60 -31.15 -20.16 -15.03
C GLU A 60 -30.28 -19.31 -14.13
N GLN A 61 -30.48 -19.41 -12.82
CA GLN A 61 -29.46 -18.96 -11.89
C GLN A 61 -28.11 -19.58 -12.24
N ASN A 62 -28.09 -20.89 -12.44
CA ASN A 62 -26.87 -21.60 -12.84
C ASN A 62 -26.22 -20.96 -14.05
N MET A 63 -26.99 -20.66 -15.08
CA MET A 63 -26.43 -19.94 -16.22
C MET A 63 -25.92 -18.57 -15.82
N ALA A 64 -26.63 -17.89 -14.89
CA ALA A 64 -26.29 -16.50 -14.59
C ALA A 64 -24.86 -16.37 -14.07
N VAL A 65 -24.43 -17.26 -13.18
CA VAL A 65 -23.07 -17.19 -12.65
C VAL A 65 -22.07 -17.26 -13.81
N ASP A 66 -22.34 -18.13 -14.76
CA ASP A 66 -21.41 -18.26 -15.90
C ASP A 66 -21.26 -16.88 -16.55
N ALA A 67 -22.38 -16.19 -16.79
CA ALA A 67 -22.35 -14.90 -17.45
C ALA A 67 -21.38 -13.96 -16.75
N LEU A 68 -21.57 -13.75 -15.44
CA LEU A 68 -20.63 -12.90 -14.72
C LEU A 68 -19.24 -13.45 -14.85
N GLN A 69 -19.10 -14.76 -14.75
CA GLN A 69 -17.79 -15.36 -14.90
C GLN A 69 -17.24 -15.09 -16.29
N ASN A 70 -18.03 -15.40 -17.31
CA ASN A 70 -17.54 -15.38 -18.68
C ASN A 70 -17.52 -13.97 -19.26
N HIS A 71 -18.51 -13.15 -18.96
CA HIS A 71 -18.47 -11.82 -19.56
C HIS A 71 -17.62 -10.83 -18.77
N ILE A 72 -17.11 -11.19 -17.58
CA ILE A 72 -16.44 -10.20 -16.74
C ILE A 72 -15.14 -10.76 -16.18
N PHE A 73 -15.26 -11.74 -15.27
CA PHE A 73 -14.07 -12.23 -14.57
C PHE A 73 -13.03 -12.71 -15.55
N ARG A 74 -13.44 -13.41 -16.60
CA ARG A 74 -12.45 -13.85 -17.58
C ARG A 74 -11.77 -12.64 -18.25
N LYS A 75 -12.56 -11.62 -18.63
CA LYS A 75 -12.00 -10.57 -19.47
C LYS A 75 -11.02 -9.70 -18.71
N ILE A 76 -11.19 -9.55 -17.40
CA ILE A 76 -10.29 -8.73 -16.63
C ILE A 76 -9.23 -9.55 -15.91
N ALA A 77 -9.37 -10.86 -15.89
CA ALA A 77 -8.39 -11.67 -15.18
C ALA A 77 -6.99 -11.35 -15.69
N PRO A 78 -6.81 -11.09 -17.00
CA PRO A 78 -5.48 -10.63 -17.46
C PRO A 78 -5.03 -9.37 -16.75
N LEU A 79 -5.92 -8.40 -16.68
CA LEU A 79 -5.60 -7.16 -15.99
C LEU A 79 -5.21 -7.41 -14.54
N VAL A 80 -6.09 -8.03 -13.75
CA VAL A 80 -5.76 -8.19 -12.33
C VAL A 80 -4.41 -8.87 -12.14
N THR A 81 -4.09 -9.91 -12.92
CA THR A 81 -2.76 -10.48 -12.73
C THR A 81 -1.70 -9.39 -12.85
N ILE A 82 -1.83 -8.51 -13.87
CA ILE A 82 -0.85 -7.45 -14.12
C ILE A 82 -0.78 -6.46 -12.95
N LEU A 83 -1.91 -6.15 -12.33
CA LEU A 83 -1.85 -5.21 -11.22
C LEU A 83 -1.55 -5.87 -9.90
N GLY A 84 -1.24 -7.17 -9.91
CA GLY A 84 -1.07 -7.89 -8.65
C GLY A 84 -2.30 -7.79 -7.78
N ILE A 85 -3.48 -7.87 -8.40
CA ILE A 85 -4.73 -7.79 -7.64
C ILE A 85 -5.01 -9.16 -7.07
N ARG A 86 -5.19 -9.23 -5.75
CA ARG A 86 -5.26 -10.53 -5.10
C ARG A 86 -6.66 -11.12 -5.13
N TYR A 87 -7.68 -10.25 -5.10
CA TYR A 87 -9.07 -10.66 -5.01
C TYR A 87 -9.93 -9.46 -5.35
N ILE A 88 -11.19 -9.73 -5.74
CA ILE A 88 -12.21 -8.72 -6.04
C ILE A 88 -13.55 -9.10 -5.45
N GLN A 89 -14.22 -8.12 -4.88
CA GLN A 89 -15.51 -8.31 -4.27
C GLN A 89 -16.55 -7.71 -5.20
N VAL A 90 -17.58 -8.48 -5.55
CA VAL A 90 -18.56 -8.05 -6.52
C VAL A 90 -19.96 -8.18 -5.93
N LEU A 91 -20.66 -7.05 -5.78
CA LEU A 91 -22.03 -7.01 -5.33
C LEU A 91 -22.92 -6.70 -6.52
N TRP A 92 -23.86 -7.59 -6.82
CA TRP A 92 -24.84 -7.40 -7.88
C TRP A 92 -26.23 -7.45 -7.28
N LYS A 93 -26.96 -6.34 -7.36
CA LYS A 93 -28.21 -6.20 -6.60
C LYS A 93 -29.22 -5.46 -7.43
N CYS A 94 -30.49 -5.84 -7.26
CA CYS A 94 -31.61 -5.03 -7.71
C CYS A 94 -32.55 -4.88 -6.55
N THR A 95 -33.26 -3.77 -6.52
CA THR A 95 -34.03 -3.31 -5.37
C THR A 95 -35.35 -2.80 -5.92
N VAL A 96 -36.45 -3.07 -5.22
CA VAL A 96 -37.77 -2.56 -5.60
C VAL A 96 -38.36 -1.87 -4.37
N GLU A 97 -38.12 -0.56 -4.25
CA GLU A 97 -38.46 0.18 -3.03
C GLU A 97 -39.88 0.71 -3.13
N ASN A 98 -40.70 0.50 -2.07
CA ASN A 98 -42.14 0.79 -2.04
C ASN A 98 -42.79 0.92 -3.42
N SER A 99 -42.25 0.17 -4.38
CA SER A 99 -42.59 0.20 -5.81
C SER A 99 -42.57 1.61 -6.42
N GLN A 100 -41.90 2.58 -5.78
CA GLN A 100 -41.74 3.89 -6.41
C GLN A 100 -40.87 3.75 -7.65
N ASN A 101 -39.57 3.59 -7.50
CA ASN A 101 -38.71 3.34 -8.65
C ASN A 101 -37.76 2.19 -8.33
N THR A 102 -37.11 1.69 -9.38
CA THR A 102 -36.33 0.47 -9.34
C THR A 102 -34.88 0.81 -9.64
N THR A 103 -33.97 0.30 -8.79
CA THR A 103 -32.55 0.43 -8.97
C THR A 103 -32.00 -0.97 -9.08
N ALA A 104 -31.24 -1.24 -10.12
CA ALA A 104 -30.31 -2.36 -10.17
C ALA A 104 -28.92 -1.79 -10.40
N PHE A 105 -27.96 -2.06 -9.48
CA PHE A 105 -26.55 -1.71 -9.64
C PHE A 105 -25.73 -2.98 -9.87
N VAL A 106 -24.42 -2.80 -10.05
CA VAL A 106 -23.37 -3.82 -9.89
C VAL A 106 -22.09 -3.12 -9.44
N LYS A 107 -21.52 -3.55 -8.32
CA LYS A 107 -20.35 -2.87 -7.78
C LYS A 107 -19.20 -3.84 -7.77
N LEU A 108 -17.98 -3.33 -7.91
CA LEU A 108 -16.81 -4.19 -7.79
C LEU A 108 -15.76 -3.48 -6.97
N ASN A 109 -15.43 -4.10 -5.85
CA ASN A 109 -14.39 -3.56 -5.01
C ASN A 109 -13.13 -4.25 -5.42
N VAL A 110 -12.44 -3.69 -6.40
CA VAL A 110 -11.12 -4.23 -6.71
C VAL A 110 -10.18 -3.97 -5.56
N HIS A 111 -9.50 -5.02 -5.10
CA HIS A 111 -8.78 -4.83 -3.87
C HIS A 111 -7.64 -3.83 -4.08
N GLY A 112 -7.62 -2.75 -3.32
CA GLY A 112 -6.51 -1.80 -3.41
C GLY A 112 -6.96 -0.58 -4.17
N LEU A 113 -7.61 -0.81 -5.31
CA LEU A 113 -8.23 0.32 -6.02
C LEU A 113 -9.59 0.51 -5.35
N GLY A 114 -10.45 1.37 -5.88
CA GLY A 114 -11.71 1.61 -5.16
C GLY A 114 -12.81 0.66 -5.58
N VAL A 115 -14.04 1.18 -5.69
CA VAL A 115 -15.17 0.35 -6.18
C VAL A 115 -15.66 0.91 -7.52
N VAL A 116 -16.12 0.04 -8.41
CA VAL A 116 -16.69 0.48 -9.71
C VAL A 116 -18.21 0.39 -9.61
N ASP A 117 -18.88 1.51 -9.34
CA ASP A 117 -20.37 1.52 -9.21
C ASP A 117 -20.98 1.55 -10.60
N CYS A 118 -21.34 0.40 -11.14
CA CYS A 118 -22.02 0.34 -12.43
C CYS A 118 -23.54 0.39 -12.26
N ASP A 119 -24.15 1.48 -12.74
CA ASP A 119 -25.61 1.65 -12.69
C ASP A 119 -26.29 0.95 -13.87
N LEU A 120 -27.10 -0.10 -13.66
CA LEU A 120 -27.56 -0.80 -14.86
C LEU A 120 -28.89 -0.28 -15.40
N PHE A 121 -29.41 0.83 -14.91
CA PHE A 121 -30.48 1.45 -15.70
C PHE A 121 -29.88 2.40 -16.76
N THR A 122 -28.93 3.26 -16.37
CA THR A 122 -28.23 4.16 -17.28
C THR A 122 -27.12 3.48 -18.06
N VAL A 123 -26.84 2.22 -17.79
CA VAL A 123 -25.68 1.48 -18.31
C VAL A 123 -24.38 2.29 -18.39
N ARG A 124 -23.99 2.96 -17.30
CA ARG A 124 -22.70 3.66 -17.21
C ARG A 124 -22.02 3.39 -15.85
N CYS A 125 -20.72 3.09 -15.89
CA CYS A 125 -19.90 2.73 -14.73
C CYS A 125 -19.07 3.93 -14.26
N ARG A 126 -19.09 4.21 -12.97
CA ARG A 126 -18.29 5.32 -12.47
C ARG A 126 -17.19 4.75 -11.59
N GLY A 127 -16.09 5.48 -11.45
CA GLY A 127 -15.10 5.12 -10.45
C GLY A 127 -15.49 5.68 -9.11
N LEU A 128 -15.57 4.82 -8.09
CA LEU A 128 -15.69 5.37 -6.75
C LEU A 128 -14.33 5.48 -6.06
N GLY A 129 -13.24 4.88 -6.63
CA GLY A 129 -11.90 4.97 -6.05
C GLY A 129 -10.76 5.36 -6.98
N VAL A 130 -9.76 4.50 -7.12
CA VAL A 130 -8.67 4.76 -8.07
C VAL A 130 -9.16 4.57 -9.51
N PHE A 131 -8.87 5.57 -10.38
CA PHE A 131 -9.29 5.41 -11.78
C PHE A 131 -8.31 4.59 -12.59
N SER A 132 -8.85 3.85 -13.55
CA SER A 132 -8.11 2.79 -14.23
C SER A 132 -8.98 2.28 -15.36
N VAL A 133 -8.34 1.61 -16.33
CA VAL A 133 -8.96 1.01 -17.51
C VAL A 133 -10.16 0.11 -17.17
N LEU A 134 -10.27 -0.27 -15.90
CA LEU A 134 -11.33 -1.19 -15.56
C LEU A 134 -12.69 -0.49 -15.56
N ILE A 135 -12.75 0.78 -15.08
CA ILE A 135 -14.07 1.40 -14.94
C ILE A 135 -14.82 1.38 -16.27
N GLY A 136 -14.13 1.78 -17.33
CA GLY A 136 -14.75 1.78 -18.64
C GLY A 136 -14.75 0.44 -19.32
N MET A 137 -13.73 -0.38 -19.08
CA MET A 137 -13.70 -1.74 -19.62
C MET A 137 -14.99 -2.51 -19.31
N ILE A 138 -15.59 -2.26 -18.16
CA ILE A 138 -16.77 -3.01 -17.86
C ILE A 138 -18.00 -2.26 -18.35
N GLU A 139 -17.94 -0.91 -18.37
CA GLU A 139 -18.95 -0.16 -19.12
C GLU A 139 -19.11 -0.74 -20.52
N ASP A 140 -18.01 -0.98 -21.22
CA ASP A 140 -18.09 -1.48 -22.58
C ASP A 140 -18.44 -2.96 -22.65
N ILE A 141 -18.22 -3.74 -21.60
CA ILE A 141 -18.80 -5.08 -21.56
C ILE A 141 -20.32 -4.98 -21.53
N LEU A 142 -20.82 -4.03 -20.78
CA LEU A 142 -22.23 -3.89 -20.56
C LEU A 142 -22.92 -3.12 -21.66
N LYS A 143 -22.18 -2.27 -22.38
CA LYS A 143 -22.81 -1.54 -23.45
C LYS A 143 -23.04 -2.47 -24.64
N ASN A 144 -21.97 -3.09 -25.14
CA ASN A 144 -22.15 -4.25 -26.00
C ASN A 144 -22.86 -5.37 -25.25
N ASP A 145 -23.16 -6.41 -26.00
CA ASP A 145 -23.99 -7.53 -25.55
C ASP A 145 -25.09 -7.06 -24.60
N PRO A 146 -26.19 -6.49 -25.12
CA PRO A 146 -27.30 -6.09 -24.25
C PRO A 146 -28.12 -7.26 -23.75
N THR A 147 -27.95 -8.45 -24.33
CA THR A 147 -28.63 -9.62 -23.80
C THR A 147 -28.16 -9.90 -22.38
N PHE A 148 -26.86 -9.71 -22.12
CA PHE A 148 -26.29 -10.01 -20.81
C PHE A 148 -26.85 -9.05 -19.76
N ILE A 149 -26.86 -7.76 -20.06
CA ILE A 149 -27.50 -6.86 -19.11
C ILE A 149 -29.00 -7.16 -18.96
N GLN A 150 -29.59 -7.96 -19.85
CA GLN A 150 -30.95 -8.46 -19.65
C GLN A 150 -31.02 -9.55 -18.59
N LEU A 151 -29.89 -10.12 -18.17
CA LEU A 151 -29.93 -11.02 -17.02
C LEU A 151 -29.69 -10.29 -15.70
N LEU A 152 -29.02 -9.15 -15.73
CA LEU A 152 -28.66 -8.45 -14.51
C LEU A 152 -29.59 -7.31 -14.16
N ASN A 153 -30.44 -6.88 -15.08
CA ASN A 153 -31.41 -5.88 -14.62
C ASN A 153 -32.80 -6.52 -14.58
N PRO A 154 -33.41 -6.87 -15.73
CA PRO A 154 -34.83 -7.24 -15.71
C PRO A 154 -35.09 -8.61 -15.07
N ARG A 155 -34.35 -9.68 -15.43
CA ARG A 155 -34.58 -10.93 -14.72
C ARG A 155 -34.32 -10.78 -13.24
N CYS A 156 -33.43 -9.86 -12.86
CA CYS A 156 -33.15 -9.68 -11.45
C CYS A 156 -34.42 -9.31 -10.69
N VAL A 157 -35.26 -8.43 -11.24
CA VAL A 157 -36.46 -8.04 -10.49
C VAL A 157 -37.55 -9.11 -10.56
N GLU A 158 -37.71 -9.79 -11.70
CA GLU A 158 -38.64 -10.93 -11.73
C GLU A 158 -38.21 -12.02 -10.76
N ASN A 159 -36.93 -12.37 -10.79
CA ASN A 159 -36.43 -13.29 -9.78
C ASN A 159 -36.64 -12.74 -8.37
N LEU A 160 -36.60 -11.43 -8.20
CA LEU A 160 -36.89 -10.89 -6.88
C LEU A 160 -38.33 -11.26 -6.50
N GLN A 161 -39.28 -10.98 -7.40
CA GLN A 161 -40.68 -11.26 -7.12
C GLN A 161 -40.92 -12.73 -6.86
N THR A 162 -40.34 -13.60 -7.69
CA THR A 162 -40.39 -15.02 -7.40
C THR A 162 -39.96 -15.29 -5.98
N VAL A 163 -38.67 -15.08 -5.69
CA VAL A 163 -38.16 -15.40 -4.36
C VAL A 163 -38.86 -14.55 -3.30
N LEU A 164 -39.24 -13.32 -3.61
CA LEU A 164 -39.97 -12.54 -2.62
C LEU A 164 -41.24 -13.27 -2.24
N ARG A 165 -41.88 -13.92 -3.21
CA ARG A 165 -43.11 -14.64 -2.88
C ARG A 165 -42.82 -15.94 -2.14
N ALA A 166 -41.77 -16.66 -2.53
CA ALA A 166 -41.40 -17.87 -1.83
C ALA A 166 -41.01 -17.58 -0.38
N GLY A 167 -40.38 -16.43 -0.15
CA GLY A 167 -39.81 -16.10 1.13
C GLY A 167 -40.68 -15.20 1.96
N LYS A 168 -41.81 -14.76 1.43
CA LYS A 168 -42.67 -13.83 2.16
C LYS A 168 -42.94 -14.29 3.60
N THR A 169 -43.34 -15.56 3.80
CA THR A 169 -43.38 -16.16 5.14
C THR A 169 -42.15 -15.82 5.99
N ALA A 170 -40.98 -16.36 5.56
CA ALA A 170 -39.71 -16.15 6.25
C ALA A 170 -39.47 -14.68 6.59
N LEU A 171 -39.39 -13.80 5.56
CA LEU A 171 -39.11 -12.38 5.82
C LEU A 171 -40.16 -11.72 6.71
N GLU A 172 -41.27 -12.37 6.99
CA GLU A 172 -42.26 -11.77 7.86
C GLU A 172 -42.29 -12.35 9.27
N ARG A 173 -41.62 -13.49 9.48
CA ARG A 173 -41.56 -14.09 10.83
C ARG A 173 -41.19 -13.02 11.85
N LYS A 174 -41.59 -13.21 13.10
CA LYS A 174 -41.24 -12.24 14.17
C LYS A 174 -40.74 -13.01 15.40
N VAL A 175 -39.45 -13.35 15.41
CA VAL A 175 -38.80 -13.92 16.63
C VAL A 175 -38.78 -12.83 17.69
N THR A 176 -39.12 -13.18 18.92
CA THR A 176 -39.20 -12.16 19.99
C THR A 176 -37.95 -12.26 20.86
N PRO A 177 -37.20 -11.15 21.06
CA PRO A 177 -36.00 -11.17 21.88
C PRO A 177 -36.31 -11.48 23.34
N GLN A 178 -35.24 -11.73 24.07
CA GLN A 178 -35.26 -11.79 25.53
C GLN A 178 -34.26 -10.74 25.98
N VAL A 179 -34.73 -9.76 26.74
CA VAL A 179 -33.85 -8.69 27.19
C VAL A 179 -33.30 -9.13 28.54
N LEU A 180 -31.98 -9.30 28.62
CA LEU A 180 -31.28 -9.78 29.79
C LEU A 180 -30.21 -8.77 30.18
N VAL A 181 -30.00 -8.54 31.47
CA VAL A 181 -29.04 -7.54 31.91
C VAL A 181 -28.08 -8.19 32.90
N PHE A 182 -26.80 -8.21 32.55
CA PHE A 182 -25.76 -8.82 33.37
C PHE A 182 -24.77 -7.74 33.76
N GLU A 183 -24.31 -7.82 35.00
CA GLU A 183 -23.08 -7.16 35.37
C GLU A 183 -21.91 -8.06 34.95
N ARG A 184 -21.04 -7.54 34.07
CA ARG A 184 -19.93 -8.31 33.53
C ARG A 184 -18.69 -8.11 34.40
N SER A 185 -17.91 -9.18 34.61
CA SER A 185 -16.73 -9.08 35.48
C SER A 185 -15.89 -7.86 35.11
N SER A 186 -15.28 -7.25 36.13
CA SER A 186 -14.51 -6.03 35.91
C SER A 186 -13.38 -6.30 34.92
N THR A 187 -13.52 -5.79 33.71
CA THR A 187 -12.53 -6.01 32.66
C THR A 187 -11.48 -4.90 32.68
N ALA A 188 -10.51 -5.01 31.76
CA ALA A 188 -9.39 -4.08 31.76
C ALA A 188 -9.79 -2.68 31.33
N GLU A 189 -10.83 -2.55 30.52
CA GLU A 189 -11.17 -1.28 29.89
C GLU A 189 -12.35 -0.56 30.55
N MET A 190 -13.35 -1.27 31.07
CA MET A 190 -14.32 -0.67 31.98
C MET A 190 -14.21 -1.30 33.36
N SER A 191 -14.42 -0.48 34.40
CA SER A 191 -14.22 -0.95 35.77
C SER A 191 -15.41 -1.76 36.28
N THR A 192 -16.63 -1.35 35.92
CA THR A 192 -17.85 -2.04 36.32
C THR A 192 -18.78 -2.08 35.10
N PRO A 193 -18.66 -3.11 34.27
CA PRO A 193 -19.46 -3.18 33.05
C PRO A 193 -20.90 -3.61 33.30
N LEU A 194 -21.82 -3.01 32.55
CA LEU A 194 -23.22 -3.44 32.51
C LEU A 194 -23.61 -3.80 31.08
N LEU A 195 -23.96 -5.07 30.86
CA LEU A 195 -24.38 -5.53 29.54
C LEU A 195 -25.90 -5.68 29.52
N CYS A 196 -26.51 -5.21 28.43
CA CYS A 196 -27.89 -5.52 28.09
C CYS A 196 -27.86 -6.46 26.89
N LEU A 197 -28.39 -7.68 27.08
CA LEU A 197 -28.31 -8.71 26.06
C LEU A 197 -29.69 -8.95 25.47
N ILE A 198 -29.82 -8.76 24.17
CA ILE A 198 -31.10 -8.90 23.46
C ILE A 198 -30.94 -9.96 22.40
N THR A 199 -31.42 -11.18 22.64
CA THR A 199 -31.13 -12.24 21.67
C THR A 199 -32.38 -13.01 21.28
N ALA A 200 -32.26 -13.60 20.07
CA ALA A 200 -33.33 -13.96 19.13
C ALA A 200 -34.31 -12.81 18.85
N PHE A 201 -34.01 -11.95 17.88
CA PHE A 201 -35.05 -11.09 17.31
C PHE A 201 -34.89 -11.06 15.80
N TYR A 202 -36.00 -11.32 15.06
CA TYR A 202 -35.88 -11.54 13.61
C TYR A 202 -35.94 -10.26 12.80
N PRO A 203 -36.98 -9.43 12.92
CA PRO A 203 -36.87 -8.14 12.21
C PRO A 203 -35.66 -7.43 12.79
N ARG A 204 -34.71 -7.16 11.90
CA ARG A 204 -33.45 -6.55 12.30
C ARG A 204 -33.69 -5.15 12.85
N THR A 205 -34.71 -4.48 12.37
CA THR A 205 -35.06 -3.15 12.83
C THR A 205 -35.41 -3.18 14.31
N ILE A 206 -34.67 -2.42 15.10
CA ILE A 206 -34.83 -2.47 16.53
C ILE A 206 -34.30 -1.17 17.07
N ASN A 207 -34.81 -0.79 18.24
CA ASN A 207 -34.43 0.44 18.91
C ASN A 207 -34.27 0.13 20.40
N ALA A 208 -33.01 0.06 20.87
CA ALA A 208 -32.71 -0.15 22.27
C ALA A 208 -31.64 0.83 22.74
N THR A 209 -31.67 1.18 24.02
CA THR A 209 -30.64 2.03 24.62
C THR A 209 -30.64 1.84 26.12
N TRP A 210 -29.57 2.33 26.74
CA TRP A 210 -29.50 2.40 28.18
C TRP A 210 -29.89 3.81 28.61
N LEU A 211 -30.58 3.89 29.74
CA LEU A 211 -31.04 5.19 30.27
C LEU A 211 -30.64 5.26 31.74
N ARG A 212 -30.36 6.47 32.23
CA ARG A 212 -30.12 6.68 33.67
C ARG A 212 -31.03 7.85 34.06
N LYS A 213 -31.97 7.65 34.97
CA LYS A 213 -32.94 8.71 35.28
C LYS A 213 -33.57 9.15 33.95
N GLY A 214 -33.98 8.17 33.13
CA GLY A 214 -34.58 8.52 31.82
C GLY A 214 -33.55 9.05 30.86
N GLU A 215 -32.70 9.96 31.32
CA GLU A 215 -31.62 10.51 30.46
C GLU A 215 -30.86 9.36 29.80
N PRO A 216 -30.56 9.42 28.48
CA PRO A 216 -29.90 8.32 27.78
C PRO A 216 -28.40 8.38 27.97
N VAL A 217 -27.86 7.38 28.66
CA VAL A 217 -26.42 7.30 28.88
C VAL A 217 -25.78 6.89 27.55
N SER A 218 -24.88 7.74 27.05
CA SER A 218 -24.15 7.51 25.80
C SER A 218 -22.64 7.61 25.99
N GLU A 219 -22.15 7.58 27.22
CA GLU A 219 -20.75 7.87 27.49
C GLU A 219 -19.86 6.71 27.06
N ASP A 220 -20.05 5.56 27.69
CA ASP A 220 -19.29 4.36 27.42
C ASP A 220 -20.14 3.33 26.70
N LEU A 221 -20.86 3.78 25.68
CA LEU A 221 -21.77 2.90 24.97
C LEU A 221 -20.99 2.06 23.96
N THR A 222 -20.96 0.75 24.17
CA THR A 222 -20.46 -0.20 23.19
C THR A 222 -21.62 -1.03 22.68
N VAL A 223 -21.74 -1.13 21.35
CA VAL A 223 -22.93 -1.70 20.74
C VAL A 223 -22.51 -2.71 19.67
N MET A 224 -22.95 -3.94 19.84
CA MET A 224 -22.63 -5.01 18.93
C MET A 224 -23.93 -5.62 18.41
N VAL A 225 -23.94 -6.05 17.15
CA VAL A 225 -25.06 -6.84 16.65
C VAL A 225 -24.45 -8.03 15.95
N LEU A 226 -24.71 -9.23 16.48
CA LEU A 226 -24.14 -10.42 15.89
C LEU A 226 -25.21 -11.30 15.29
N PRO A 227 -24.89 -12.06 14.26
CA PRO A 227 -25.86 -13.00 13.70
C PRO A 227 -26.05 -14.18 14.63
N ASN A 228 -27.28 -14.77 14.60
CA ASN A 228 -27.54 -16.05 15.27
C ASN A 228 -27.36 -17.17 14.24
N HIS A 229 -27.95 -18.32 14.48
CA HIS A 229 -27.70 -19.40 13.56
C HIS A 229 -28.91 -19.69 12.71
N ASP A 230 -30.08 -19.18 13.12
CA ASP A 230 -31.37 -19.50 12.56
C ASP A 230 -31.99 -18.27 11.90
N ALA A 231 -31.12 -17.38 11.41
CA ALA A 231 -31.49 -16.14 10.72
C ALA A 231 -32.08 -15.12 11.65
N THR A 232 -31.84 -15.17 12.93
CA THR A 232 -32.26 -14.06 13.77
C THR A 232 -31.01 -13.32 14.23
N TYR A 233 -31.16 -12.43 15.18
CA TYR A 233 -30.10 -11.48 15.47
C TYR A 233 -29.87 -11.36 16.95
N ARG A 234 -28.65 -10.94 17.27
CA ARG A 234 -28.26 -10.79 18.69
C ARG A 234 -27.71 -9.39 18.87
N MET A 235 -28.00 -8.78 20.02
CA MET A 235 -27.57 -7.40 20.28
C MET A 235 -27.04 -7.27 21.70
N GLU A 236 -25.87 -6.66 21.87
CA GLU A 236 -25.27 -6.44 23.19
C GLU A 236 -24.98 -4.97 23.39
N ILE A 237 -25.34 -4.41 24.54
CA ILE A 237 -25.01 -3.02 24.81
C ILE A 237 -24.32 -2.93 26.14
N LEU A 238 -23.10 -2.43 26.13
CA LEU A 238 -22.24 -2.37 27.29
C LEU A 238 -22.08 -0.92 27.74
N ILE A 239 -22.05 -0.72 29.06
CA ILE A 239 -21.67 0.56 29.65
C ILE A 239 -20.84 0.30 30.90
N ASP A 240 -19.86 1.17 31.12
CA ASP A 240 -19.18 1.27 32.41
C ASP A 240 -20.06 2.12 33.32
N ILE A 241 -20.62 1.51 34.36
CA ILE A 241 -21.43 2.26 35.33
C ILE A 241 -20.55 3.16 36.19
N LYS A 242 -19.25 2.86 36.29
CA LYS A 242 -18.28 3.74 36.94
C LYS A 242 -18.67 3.99 38.38
N ASN A 243 -19.14 2.93 39.04
CA ASN A 243 -19.53 2.97 40.44
C ASN A 243 -20.71 3.93 40.68
N ASN A 244 -21.70 3.80 39.81
CA ASN A 244 -22.98 4.51 40.03
C ASN A 244 -23.96 3.38 40.37
N ASP A 245 -24.97 3.65 41.19
CA ASP A 245 -25.93 2.62 41.55
C ASP A 245 -26.53 2.03 40.28
N PRO A 246 -26.43 0.71 40.09
CA PRO A 246 -26.95 0.10 38.85
C PRO A 246 -28.46 -0.01 38.81
N SER A 247 -29.13 0.14 39.96
CA SER A 247 -30.58 0.15 39.98
C SER A 247 -31.16 1.35 39.25
N ASN A 248 -30.36 2.42 39.08
CA ASN A 248 -30.79 3.63 38.39
C ASN A 248 -30.70 3.53 36.87
N TYR A 249 -30.25 2.39 36.33
CA TYR A 249 -30.00 2.23 34.89
C TYR A 249 -31.02 1.26 34.29
N TYR A 250 -31.46 1.53 33.07
CA TYR A 250 -32.48 0.70 32.47
C TYR A 250 -32.31 0.64 30.96
N CYS A 251 -32.58 -0.55 30.43
CA CYS A 251 -32.35 -0.87 29.04
C CYS A 251 -33.70 -0.93 28.34
N GLN A 252 -34.10 0.19 27.73
CA GLN A 252 -35.37 0.26 27.01
C GLN A 252 -35.20 -0.28 25.59
N VAL A 253 -36.06 -1.23 25.21
CA VAL A 253 -35.94 -1.98 23.95
C VAL A 253 -37.28 -2.01 23.23
N GLN A 254 -37.34 -1.41 22.03
CA GLN A 254 -38.52 -1.46 21.17
C GLN A 254 -38.19 -2.31 19.95
N HIS A 255 -38.77 -3.50 19.90
CA HIS A 255 -38.80 -4.35 18.72
C HIS A 255 -40.26 -4.47 18.28
N CYS A 256 -40.46 -4.56 16.96
CA CYS A 256 -41.76 -4.62 16.33
C CYS A 256 -42.77 -5.45 17.12
N SER A 257 -42.35 -6.64 17.53
CA SER A 257 -43.13 -7.55 18.37
C SER A 257 -44.56 -7.71 17.86
N PRO B 1 -5.58 -3.85 12.46
CA PRO B 1 -4.60 -4.28 11.44
C PRO B 1 -5.16 -5.33 10.45
N GLY B 2 -6.40 -5.16 9.98
CA GLY B 2 -7.09 -6.26 9.33
C GLY B 2 -7.35 -7.46 10.22
N SER B 3 -7.17 -7.33 11.54
CA SER B 3 -7.22 -8.46 12.44
C SER B 3 -8.67 -8.74 12.80
N PRO B 4 -9.11 -10.00 12.80
CA PRO B 4 -10.52 -10.29 13.09
C PRO B 4 -10.99 -9.72 14.42
N ASN B 5 -12.24 -9.23 14.41
CA ASN B 5 -13.04 -9.18 15.61
C ASN B 5 -13.72 -10.53 15.75
N VAL B 6 -13.57 -11.19 16.89
CA VAL B 6 -14.18 -12.49 17.10
C VAL B 6 -14.99 -12.44 18.37
N GLN B 7 -16.23 -12.93 18.30
CA GLN B 7 -17.04 -13.14 19.47
C GLN B 7 -17.44 -14.62 19.56
N VAL B 8 -17.38 -15.13 20.79
CA VAL B 8 -17.79 -16.49 21.05
C VAL B 8 -18.94 -16.41 22.03
N TYR B 9 -20.10 -16.95 21.67
CA TYR B 9 -21.29 -16.73 22.48
C TYR B 9 -22.25 -17.92 22.28
N THR B 10 -23.24 -18.00 23.17
CA THR B 10 -24.26 -19.04 23.11
C THR B 10 -25.59 -18.44 22.65
N TYR B 11 -26.34 -19.21 21.85
CA TYR B 11 -27.64 -18.73 21.31
C TYR B 11 -28.51 -18.28 22.48
N LYS B 12 -28.84 -19.20 23.37
CA LYS B 12 -29.67 -18.85 24.54
C LYS B 12 -28.82 -19.03 25.80
N LEU B 13 -29.26 -18.47 26.93
CA LEU B 13 -28.55 -18.61 28.19
C LEU B 13 -28.21 -20.08 28.47
N ILE B 14 -26.97 -20.31 28.92
CA ILE B 14 -26.57 -21.65 29.35
C ILE B 14 -27.54 -22.11 30.42
N LYS B 15 -28.13 -23.29 30.19
CA LYS B 15 -28.88 -24.01 31.21
C LYS B 15 -28.30 -25.43 31.15
N GLU B 16 -27.65 -25.86 32.22
CA GLU B 16 -26.88 -27.09 32.07
C GLU B 16 -27.81 -28.23 31.70
N GLY B 17 -27.27 -29.14 30.89
CA GLY B 17 -28.02 -30.24 30.37
C GLY B 17 -29.12 -29.86 29.42
N GLU B 18 -29.31 -28.58 29.10
CA GLU B 18 -30.33 -28.14 28.14
C GLU B 18 -29.67 -27.73 26.82
N SER B 19 -30.17 -28.28 25.72
CA SER B 19 -29.52 -28.05 24.43
C SER B 19 -29.45 -26.56 24.08
N ASN B 20 -28.43 -26.24 23.29
CA ASN B 20 -28.06 -24.88 22.97
C ASN B 20 -27.26 -24.92 21.69
N VAL B 21 -26.77 -23.74 21.31
CA VAL B 21 -25.94 -23.57 20.13
C VAL B 21 -24.75 -22.71 20.54
N LEU B 22 -23.55 -23.12 20.09
CA LEU B 22 -22.28 -22.48 20.43
C LEU B 22 -21.76 -21.77 19.18
N LEU B 23 -21.44 -20.49 19.31
CA LEU B 23 -21.33 -19.60 18.17
C LEU B 23 -20.03 -18.81 18.21
N CYS B 24 -19.29 -18.87 17.11
CA CYS B 24 -18.03 -18.18 16.97
C CYS B 24 -18.15 -17.37 15.73
N HIS B 25 -18.07 -16.06 15.88
CA HIS B 25 -18.29 -15.21 14.73
C HIS B 25 -17.11 -14.27 14.60
N ALA B 26 -16.54 -14.21 13.38
CA ALA B 26 -15.47 -13.27 13.07
C ALA B 26 -15.86 -12.41 11.87
N LYS B 27 -15.55 -11.11 11.99
CA LYS B 27 -15.86 -10.12 10.99
C LYS B 27 -14.68 -9.16 10.97
N ASP B 28 -14.63 -8.34 9.89
CA ASP B 28 -13.76 -7.17 9.80
C ASP B 28 -12.32 -7.56 9.54
N PHE B 29 -12.06 -8.66 8.82
CA PHE B 29 -10.70 -9.18 8.70
C PHE B 29 -10.20 -9.04 7.26
N SER B 30 -8.98 -8.46 7.10
CA SER B 30 -8.61 -7.98 5.76
C SER B 30 -8.26 -9.18 4.89
N PRO B 31 -7.17 -9.90 5.05
CA PRO B 31 -7.01 -11.06 4.18
C PRO B 31 -8.21 -11.98 4.44
N PRO B 32 -8.99 -12.32 3.40
CA PRO B 32 -10.22 -13.11 3.64
C PRO B 32 -9.99 -14.55 4.03
N ASN B 33 -8.78 -15.08 3.87
CA ASN B 33 -8.56 -16.46 4.29
C ASN B 33 -8.51 -16.49 5.82
N ILE B 34 -9.32 -17.36 6.41
CA ILE B 34 -9.47 -17.40 7.85
C ILE B 34 -9.84 -18.84 8.21
N LYS B 35 -9.41 -19.29 9.38
CA LYS B 35 -9.86 -20.57 9.91
C LYS B 35 -10.59 -20.34 11.21
N LEU B 36 -11.72 -21.03 11.39
CA LEU B 36 -12.47 -20.93 12.66
C LEU B 36 -12.64 -22.35 13.20
N GLU B 37 -12.17 -22.61 14.42
CA GLU B 37 -12.27 -23.96 15.01
C GLU B 37 -12.97 -23.89 16.37
N LEU B 38 -14.10 -24.58 16.50
CA LEU B 38 -14.83 -24.62 17.77
C LEU B 38 -14.16 -25.61 18.72
N LEU B 39 -13.95 -25.20 19.97
CA LEU B 39 -13.19 -26.01 20.91
C LEU B 39 -14.03 -26.36 22.11
N GLU B 40 -14.23 -27.65 22.35
CA GLU B 40 -14.79 -28.14 23.60
C GLU B 40 -13.63 -28.66 24.43
N ASN B 41 -13.40 -28.03 25.55
CA ASN B 41 -12.44 -28.57 26.52
C ASN B 41 -11.08 -28.73 25.89
N GLY B 42 -10.68 -27.76 25.07
CA GLY B 42 -9.44 -27.75 24.35
C GLY B 42 -9.43 -28.60 23.11
N ARG B 43 -10.43 -29.46 22.90
CA ARG B 43 -10.53 -30.34 21.74
C ARG B 43 -11.39 -29.74 20.61
N ILE B 44 -11.10 -30.13 19.39
CA ILE B 44 -11.88 -29.63 18.27
C ILE B 44 -13.20 -30.37 18.24
N ILE B 45 -14.30 -29.62 18.28
CA ILE B 45 -15.65 -30.14 18.17
C ILE B 45 -15.92 -30.58 16.74
N PRO B 46 -16.31 -31.82 16.50
CA PRO B 46 -16.64 -32.26 15.14
C PRO B 46 -18.04 -31.86 14.72
N ASN B 47 -18.33 -32.14 13.44
CA ASN B 47 -19.62 -31.91 12.81
C ASN B 47 -20.14 -30.49 13.05
N THR B 48 -19.22 -29.55 13.19
CA THR B 48 -19.59 -28.17 13.36
C THR B 48 -19.94 -27.59 11.98
N THR B 49 -20.91 -26.69 11.90
CA THR B 49 -21.25 -26.12 10.59
C THR B 49 -20.83 -24.64 10.49
N GLN B 50 -20.31 -24.30 9.32
CA GLN B 50 -19.81 -22.96 9.05
C GLN B 50 -20.78 -22.25 8.13
N SER B 51 -21.01 -20.96 8.35
CA SER B 51 -21.61 -20.20 7.24
C SER B 51 -20.62 -20.12 6.10
N ASP B 52 -21.01 -19.46 5.04
CA ASP B 52 -20.13 -19.19 3.90
C ASP B 52 -19.41 -17.86 4.08
N LEU B 53 -18.16 -17.80 3.60
CA LEU B 53 -17.44 -16.53 3.60
C LEU B 53 -18.25 -15.55 2.79
N SER B 54 -18.54 -14.37 3.36
CA SER B 54 -19.15 -13.34 2.56
C SER B 54 -18.87 -12.00 3.24
N PHE B 55 -19.58 -10.94 2.83
CA PHE B 55 -19.25 -9.63 3.36
C PHE B 55 -20.51 -8.81 3.54
N GLU B 56 -20.32 -7.65 4.14
CA GLU B 56 -21.35 -6.64 4.27
C GLU B 56 -21.20 -5.59 3.16
N SER B 57 -22.26 -4.79 2.98
CA SER B 57 -22.25 -3.71 2.00
C SER B 57 -20.98 -2.87 2.11
N ASP B 58 -20.34 -2.81 3.31
CA ASP B 58 -19.10 -2.06 3.47
C ASP B 58 -17.88 -2.86 3.06
N TRP B 59 -18.07 -4.01 2.41
CA TRP B 59 -17.03 -4.89 1.91
C TRP B 59 -16.30 -5.68 3.00
N SER B 60 -16.65 -5.49 4.30
CA SER B 60 -15.96 -6.21 5.37
C SER B 60 -16.44 -7.66 5.40
N PHE B 61 -15.49 -8.59 5.46
CA PHE B 61 -15.86 -10.00 5.37
C PHE B 61 -16.43 -10.56 6.67
N LYS B 62 -17.00 -11.76 6.56
CA LYS B 62 -17.72 -12.35 7.67
C LYS B 62 -17.66 -13.86 7.59
N LEU B 63 -17.46 -14.48 8.75
CA LEU B 63 -17.58 -15.92 8.89
C LEU B 63 -18.23 -16.28 10.22
N THR B 64 -18.98 -17.38 10.22
CA THR B 64 -19.65 -17.82 11.46
C THR B 64 -19.67 -19.34 11.49
N ARG B 65 -18.94 -19.94 12.42
CA ARG B 65 -19.00 -21.41 12.58
C ARG B 65 -19.81 -21.69 13.85
N TYR B 66 -20.71 -22.65 13.78
CA TYR B 66 -21.58 -22.91 14.96
C TYR B 66 -21.87 -24.40 15.08
N VAL B 67 -22.37 -24.80 16.24
CA VAL B 67 -22.70 -26.20 16.48
C VAL B 67 -23.66 -26.31 17.66
N GLU B 68 -24.62 -27.26 17.56
CA GLU B 68 -25.51 -27.61 18.67
C GLU B 68 -24.74 -28.46 19.68
N PHE B 69 -24.70 -28.00 20.91
CA PHE B 69 -24.03 -28.71 21.97
C PHE B 69 -24.98 -28.69 23.16
N THR B 70 -24.70 -29.49 24.17
CA THR B 70 -25.40 -29.35 25.44
C THR B 70 -24.44 -28.90 26.55
N PRO B 71 -24.63 -27.72 27.10
CA PRO B 71 -23.73 -27.27 28.17
C PRO B 71 -23.86 -28.18 29.38
N GLN B 72 -22.72 -28.65 29.90
CA GLN B 72 -22.64 -29.51 31.08
C GLN B 72 -21.73 -28.88 32.12
N SER B 73 -22.09 -29.03 33.37
CA SER B 73 -21.22 -28.59 34.44
C SER B 73 -19.85 -29.25 34.35
N GLY B 74 -18.81 -28.42 34.58
CA GLY B 74 -17.42 -28.73 34.31
C GLY B 74 -16.96 -28.38 32.90
N TYR B 75 -17.85 -28.39 31.92
CA TYR B 75 -17.46 -28.27 30.52
C TYR B 75 -17.04 -26.84 30.17
N LYS B 76 -16.10 -26.70 29.22
CA LYS B 76 -15.64 -25.39 28.78
C LYS B 76 -15.51 -25.36 27.26
N TYR B 77 -15.86 -24.19 26.64
CA TYR B 77 -15.97 -24.04 25.18
C TYR B 77 -15.24 -22.78 24.68
N SER B 78 -14.65 -22.88 23.49
CA SER B 78 -13.83 -21.76 23.04
C SER B 78 -13.75 -21.81 21.51
N CYS B 79 -12.92 -20.92 20.95
CA CYS B 79 -12.78 -20.84 19.50
C CYS B 79 -11.33 -20.54 19.15
N MET B 80 -10.75 -21.38 18.32
CA MET B 80 -9.45 -21.13 17.74
C MET B 80 -9.70 -20.39 16.44
N VAL B 81 -9.18 -19.17 16.32
CA VAL B 81 -9.23 -18.40 15.08
C VAL B 81 -7.84 -18.40 14.49
N THR B 82 -7.67 -19.05 13.35
CA THR B 82 -6.39 -18.98 12.68
C THR B 82 -6.49 -18.01 11.52
N HIS B 83 -5.98 -16.80 11.72
CA HIS B 83 -6.01 -15.83 10.65
C HIS B 83 -4.62 -15.34 10.38
N ASN B 84 -4.18 -15.56 9.15
CA ASN B 84 -2.99 -14.88 8.62
C ASN B 84 -1.74 -15.47 9.28
N GLY B 85 -1.71 -16.80 9.38
CA GLY B 85 -0.65 -17.46 10.12
C GLY B 85 -0.88 -17.67 11.61
N ASP B 86 -1.64 -16.80 12.29
CA ASP B 86 -1.80 -16.87 13.76
C ASP B 86 -3.05 -17.62 14.17
N SER B 87 -2.95 -18.37 15.26
CA SER B 87 -4.13 -18.87 15.94
C SER B 87 -4.32 -18.04 17.20
N LYS B 88 -5.55 -17.63 17.45
CA LYS B 88 -5.92 -17.04 18.72
C LYS B 88 -7.13 -17.81 19.27
N GLU B 89 -7.26 -17.81 20.57
CA GLU B 89 -8.23 -18.68 21.21
C GLU B 89 -9.09 -17.77 22.06
N ILE B 90 -10.34 -17.66 21.69
CA ILE B 90 -11.29 -16.91 22.50
C ILE B 90 -12.13 -17.94 23.24
N GLN B 91 -12.27 -17.74 24.55
CA GLN B 91 -13.18 -18.51 25.40
C GLN B 91 -14.49 -17.77 25.55
N LEU B 92 -15.60 -18.52 25.73
CA LEU B 92 -16.97 -17.99 25.81
C LEU B 92 -17.07 -16.53 26.33
N ASP B 93 -16.64 -16.29 27.57
CA ASP B 93 -16.36 -14.89 27.98
C ASP B 93 -17.61 -14.01 27.93
N GLY C 1 13.64 37.71 4.03
CA GLY C 1 12.26 37.50 3.60
C GLY C 1 11.96 36.09 3.14
N SER C 2 10.92 35.94 2.32
CA SER C 2 10.47 34.67 1.75
C SER C 2 10.00 33.66 2.79
N HIS C 3 9.62 34.10 4.00
CA HIS C 3 9.34 33.17 5.09
C HIS C 3 8.08 32.34 4.79
N THR C 4 7.95 31.21 5.51
CA THR C 4 6.98 30.17 5.24
C THR C 4 6.39 29.64 6.55
N LEU C 5 5.11 29.33 6.55
CA LEU C 5 4.50 28.67 7.70
C LEU C 5 4.05 27.30 7.22
N GLN C 6 4.62 26.26 7.81
CA GLN C 6 4.30 24.88 7.46
C GLN C 6 3.68 24.21 8.67
N TYR C 7 2.71 23.34 8.42
CA TYR C 7 1.99 22.57 9.44
C TYR C 7 1.90 21.16 8.88
N LEU C 8 2.62 20.23 9.47
CA LEU C 8 2.85 18.94 8.83
C LEU C 8 2.07 17.87 9.58
N PHE C 9 1.32 17.06 8.82
CA PHE C 9 0.30 16.20 9.40
C PHE C 9 0.60 14.75 9.03
N ILE C 10 0.85 13.95 10.04
CA ILE C 10 0.90 12.50 9.89
C ILE C 10 -0.46 11.97 10.36
N TYR C 11 -1.26 11.39 9.46
CA TYR C 11 -2.52 10.75 9.84
C TYR C 11 -2.40 9.25 9.61
N ALA C 12 -2.66 8.46 10.67
CA ALA C 12 -2.40 7.03 10.72
C ALA C 12 -3.52 6.30 11.45
N PRO C 13 -4.50 5.81 10.69
CA PRO C 13 -5.78 5.33 11.23
C PRO C 13 -5.80 3.92 11.80
N GLN C 14 -6.07 3.82 13.10
CA GLN C 14 -6.01 2.56 13.84
C GLN C 14 -4.66 1.93 13.55
N HIS C 15 -3.60 2.69 13.89
CA HIS C 15 -2.30 2.05 13.83
C HIS C 15 -1.92 1.57 15.23
N PRO C 16 -1.53 0.29 15.45
CA PRO C 16 -1.21 -0.13 16.83
C PRO C 16 -0.12 0.70 17.49
N ASP C 17 0.91 1.10 16.74
CA ASP C 17 2.01 1.88 17.29
C ASP C 17 1.85 3.39 17.06
N LEU C 18 0.71 3.88 16.59
CA LEU C 18 0.70 5.27 16.16
C LEU C 18 -0.56 6.03 16.53
N PRO C 19 -0.42 7.24 17.09
CA PRO C 19 -1.59 8.08 17.34
C PRO C 19 -2.42 8.22 16.09
N GLU C 20 -3.72 8.48 16.25
CA GLU C 20 -4.55 8.61 15.07
C GLU C 20 -4.05 9.76 14.20
N LEU C 21 -3.63 10.86 14.83
CA LEU C 21 -3.09 12.00 14.11
C LEU C 21 -1.95 12.62 14.91
N SER C 22 -1.00 13.16 14.19
CA SER C 22 0.09 13.93 14.74
C SER C 22 0.31 15.12 13.83
N MET C 23 0.40 16.28 14.42
CA MET C 23 0.70 17.48 13.67
C MET C 23 1.97 18.12 14.19
N SER C 24 2.76 18.63 13.27
CA SER C 24 3.99 19.33 13.59
C SER C 24 3.92 20.61 12.79
N GLY C 25 4.16 21.74 13.46
CA GLY C 25 4.09 23.05 12.82
C GLY C 25 5.41 23.79 12.84
N MET C 26 5.92 24.16 11.67
CA MET C 26 7.27 24.67 11.53
C MET C 26 7.24 26.07 10.93
N LEU C 27 7.98 26.99 11.55
CA LEU C 27 8.27 28.30 10.98
C LEU C 27 9.61 28.21 10.26
N ASP C 28 9.58 28.17 8.93
CA ASP C 28 10.78 27.87 8.15
C ASP C 28 11.47 26.61 8.67
N ASP C 29 12.70 26.70 9.18
CA ASP C 29 13.37 25.49 9.64
C ASP C 29 13.25 25.29 11.15
N LEU C 30 12.17 25.82 11.75
CA LEU C 30 12.04 25.88 13.20
C LEU C 30 10.64 25.44 13.60
N GLN C 31 10.58 24.34 14.34
CA GLN C 31 9.32 23.82 14.89
C GLN C 31 8.78 24.76 15.97
N ILE C 32 7.50 25.10 15.88
CA ILE C 32 6.91 26.04 16.82
C ILE C 32 5.85 25.38 17.72
N GLU C 33 5.10 24.37 17.24
CA GLU C 33 4.24 23.59 18.13
C GLU C 33 4.20 22.12 17.70
N TYR C 34 3.56 21.30 18.54
CA TYR C 34 3.26 19.93 18.16
C TYR C 34 1.95 19.49 18.79
N TYR C 35 1.26 18.58 18.11
CA TYR C 35 0.00 18.02 18.65
C TYR C 35 -0.04 16.53 18.35
N ASP C 36 -0.65 15.76 19.26
CA ASP C 36 -0.69 14.28 19.15
C ASP C 36 -2.06 13.81 19.66
N SER C 37 -2.58 12.73 19.09
CA SER C 37 -3.80 12.12 19.65
C SER C 37 -3.60 11.93 21.16
N SER C 38 -2.74 11.00 21.56
CA SER C 38 -2.59 10.74 22.99
C SER C 38 -2.38 12.03 23.79
N LEU C 39 -1.94 13.11 23.15
CA LEU C 39 -1.56 14.35 23.82
C LEU C 39 -2.79 15.11 24.33
N LYS C 40 -3.53 15.76 23.43
CA LYS C 40 -4.82 16.45 23.64
C LYS C 40 -4.67 17.95 23.85
N GLN C 41 -3.60 18.38 24.52
CA GLN C 41 -3.34 19.81 24.73
C GLN C 41 -2.23 20.24 23.77
N ILE C 42 -2.53 21.17 22.86
CA ILE C 42 -1.49 21.66 21.97
C ILE C 42 -0.41 22.34 22.79
N GLN C 43 0.74 21.70 22.89
CA GLN C 43 1.89 22.20 23.66
C GLN C 43 2.82 22.94 22.73
N PRO C 44 3.35 24.10 23.12
CA PRO C 44 4.41 24.71 22.31
C PRO C 44 5.72 23.95 22.29
N ARG C 45 6.45 24.09 21.18
CA ARG C 45 7.76 23.46 21.13
C ARG C 45 8.89 24.44 21.32
N GLN C 46 8.61 25.61 21.91
CA GLN C 46 9.62 26.66 21.96
C GLN C 46 9.22 27.75 22.94
N GLN C 47 10.23 28.35 23.58
CA GLN C 47 9.95 29.25 24.70
C GLN C 47 9.15 30.47 24.26
N TRP C 48 9.46 31.03 23.09
CA TRP C 48 8.76 32.26 22.73
C TRP C 48 7.39 32.01 22.12
N MET C 49 7.04 30.76 21.81
CA MET C 49 5.65 30.37 21.62
C MET C 49 4.90 30.15 22.93
N ALA C 50 5.54 30.44 24.06
CA ALA C 50 4.90 30.34 25.36
C ALA C 50 4.88 31.68 26.09
N SER C 51 5.51 32.71 25.53
CA SER C 51 5.62 34.00 26.20
C SER C 51 5.05 35.14 25.37
N LYS C 52 5.66 35.44 24.23
CA LYS C 52 5.30 36.66 23.52
C LYS C 52 3.98 36.52 22.76
N ILE C 53 3.70 35.37 22.16
CA ILE C 53 2.45 35.22 21.44
C ILE C 53 1.30 35.07 22.43
N THR C 54 0.09 35.03 21.88
CA THR C 54 -1.12 34.99 22.73
C THR C 54 -1.63 33.57 22.92
N GLU C 55 -2.59 33.42 23.83
CA GLU C 55 -3.15 32.11 24.16
C GLU C 55 -4.46 31.83 23.45
N ASP C 56 -5.22 32.86 23.11
CA ASP C 56 -6.29 32.71 22.14
C ASP C 56 -5.77 32.00 20.90
N TYR C 57 -4.58 32.38 20.44
CA TYR C 57 -3.96 31.74 19.30
C TYR C 57 -4.04 30.22 19.46
N TRP C 58 -3.34 29.67 20.45
CA TRP C 58 -3.36 28.21 20.71
C TRP C 58 -4.76 27.63 20.64
N GLN C 59 -5.76 28.40 21.09
CA GLN C 59 -7.15 27.95 20.97
C GLN C 59 -7.54 27.79 19.50
N GLU C 60 -7.33 28.82 18.68
CA GLU C 60 -7.61 28.69 17.25
C GLU C 60 -6.96 27.46 16.66
N GLN C 61 -5.83 27.06 17.23
CA GLN C 61 -5.18 25.82 16.84
C GLN C 61 -5.96 24.61 17.31
N ASN C 62 -6.42 24.64 18.56
CA ASN C 62 -7.28 23.57 19.04
C ASN C 62 -8.52 23.42 18.18
N MET C 63 -8.88 24.46 17.41
CA MET C 63 -9.98 24.43 16.44
C MET C 63 -9.52 24.16 15.02
N ALA C 64 -8.27 24.51 14.69
CA ALA C 64 -7.77 24.25 13.34
C ALA C 64 -7.59 22.76 13.12
N VAL C 65 -7.00 22.06 14.10
CA VAL C 65 -6.80 20.62 13.96
C VAL C 65 -8.15 19.92 13.89
N ASP C 66 -9.08 20.31 14.77
CA ASP C 66 -10.39 19.69 14.78
C ASP C 66 -11.12 19.90 13.45
N ALA C 67 -10.96 21.10 12.85
CA ALA C 67 -11.66 21.42 11.59
C ALA C 67 -11.20 20.50 10.46
N LEU C 68 -9.89 20.44 10.23
CA LEU C 68 -9.30 19.50 9.30
C LEU C 68 -9.78 18.07 9.56
N GLN C 69 -9.94 17.68 10.83
CA GLN C 69 -10.36 16.33 11.08
C GLN C 69 -11.78 16.11 10.59
N ASN C 70 -12.67 17.07 10.83
CA ASN C 70 -14.05 16.86 10.40
C ASN C 70 -14.17 17.10 8.90
N HIS C 71 -13.65 18.23 8.41
CA HIS C 71 -13.92 18.59 7.03
C HIS C 71 -13.21 17.66 6.06
N ILE C 72 -12.09 17.09 6.48
CA ILE C 72 -11.19 16.37 5.58
C ILE C 72 -10.99 14.92 6.00
N PHE C 73 -10.25 14.69 7.11
CA PHE C 73 -9.87 13.32 7.44
C PHE C 73 -11.09 12.41 7.60
N ARG C 74 -12.10 12.87 8.35
CA ARG C 74 -13.29 12.06 8.56
C ARG C 74 -13.93 11.64 7.23
N LYS C 75 -13.98 12.55 6.26
CA LYS C 75 -14.74 12.27 5.05
C LYS C 75 -14.01 11.31 4.10
N ILE C 76 -12.70 11.42 3.97
CA ILE C 76 -11.96 10.47 3.12
C ILE C 76 -11.64 9.16 3.82
N ALA C 77 -11.67 9.16 5.16
CA ALA C 77 -11.29 7.98 5.93
C ALA C 77 -11.90 6.70 5.42
N PRO C 78 -13.20 6.63 5.06
CA PRO C 78 -13.73 5.35 4.58
C PRO C 78 -12.94 4.89 3.38
N LEU C 79 -13.03 5.69 2.31
CA LEU C 79 -12.36 5.37 1.06
C LEU C 79 -10.95 4.86 1.31
N VAL C 80 -10.21 5.60 2.14
CA VAL C 80 -8.86 5.19 2.50
C VAL C 80 -8.84 3.72 2.91
N THR C 81 -9.60 3.40 3.96
CA THR C 81 -9.73 2.00 4.35
C THR C 81 -10.02 1.09 3.16
N ILE C 82 -10.97 1.47 2.28
CA ILE C 82 -11.22 0.56 1.15
C ILE C 82 -10.00 0.48 0.23
N LEU C 83 -9.12 1.46 0.28
CA LEU C 83 -8.01 1.39 -0.63
C LEU C 83 -6.85 0.62 -0.01
N GLY C 84 -7.02 0.21 1.25
CA GLY C 84 -5.92 -0.30 2.03
C GLY C 84 -4.79 0.69 2.25
N ILE C 85 -5.06 1.97 2.03
CA ILE C 85 -4.11 3.01 2.35
C ILE C 85 -3.89 3.01 3.86
N ARG C 86 -2.63 2.97 4.28
CA ARG C 86 -2.39 2.80 5.71
C ARG C 86 -2.01 4.09 6.42
N TYR C 87 -1.69 5.15 5.68
CA TYR C 87 -1.45 6.44 6.31
C TYR C 87 -1.50 7.51 5.22
N ILE C 88 -1.73 8.75 5.68
CA ILE C 88 -1.71 9.95 4.85
C ILE C 88 -0.70 10.92 5.46
N GLN C 89 0.01 11.64 4.63
CA GLN C 89 0.77 12.78 5.12
C GLN C 89 0.22 14.03 4.47
N VAL C 90 0.19 15.11 5.23
CA VAL C 90 -0.42 16.34 4.73
C VAL C 90 0.44 17.53 5.09
N LEU C 91 0.51 18.47 4.15
CA LEU C 91 1.34 19.66 4.23
C LEU C 91 0.42 20.84 4.00
N TRP C 92 0.14 21.59 5.05
CA TRP C 92 -0.58 22.85 4.95
C TRP C 92 0.43 23.99 5.06
N LYS C 93 0.50 24.84 4.04
CA LYS C 93 1.59 25.80 3.99
C LYS C 93 1.07 27.12 3.47
N CYS C 94 1.59 28.22 4.03
CA CYS C 94 1.46 29.53 3.42
C CYS C 94 2.80 30.23 3.48
N THR C 95 3.09 30.96 2.42
CA THR C 95 4.38 31.59 2.19
C THR C 95 4.14 33.03 1.77
N VAL C 96 4.76 33.97 2.47
CA VAL C 96 4.83 35.35 1.99
C VAL C 96 6.17 35.53 1.29
N GLU C 97 6.17 36.24 0.18
CA GLU C 97 7.38 36.44 -0.59
C GLU C 97 7.62 37.94 -0.68
N ASN C 98 8.51 38.45 0.19
CA ASN C 98 8.87 39.87 0.32
C ASN C 98 7.78 40.82 -0.16
N SER C 99 6.54 40.58 0.29
CA SER C 99 5.38 41.41 -0.06
C SER C 99 5.11 41.41 -1.56
N GLN C 100 5.40 40.30 -2.25
CA GLN C 100 5.07 40.15 -3.66
C GLN C 100 3.68 39.52 -3.77
N ASN C 101 3.62 38.22 -3.53
CA ASN C 101 2.36 37.51 -3.47
C ASN C 101 2.51 36.46 -2.38
N THR C 102 1.59 36.49 -1.43
CA THR C 102 1.45 35.39 -0.48
C THR C 102 0.76 34.22 -1.15
N THR C 103 1.43 33.08 -1.16
CA THR C 103 0.86 31.88 -1.74
C THR C 103 0.58 30.87 -0.62
N ALA C 104 -0.47 30.06 -0.80
CA ALA C 104 -0.87 29.11 0.23
C ALA C 104 -1.41 27.86 -0.42
N PHE C 105 -1.11 26.71 0.21
CA PHE C 105 -1.45 25.39 -0.33
C PHE C 105 -1.75 24.38 0.77
N VAL C 106 -2.30 23.26 0.32
CA VAL C 106 -2.60 22.07 1.11
C VAL C 106 -2.35 20.87 0.20
N LYS C 107 -1.44 19.99 0.59
CA LYS C 107 -0.94 18.91 -0.26
C LYS C 107 -0.98 17.60 0.51
N LEU C 108 -1.42 16.52 -0.13
CA LEU C 108 -1.66 15.28 0.60
C LEU C 108 -0.98 14.08 -0.10
N ASN C 109 0.14 13.58 0.44
CA ASN C 109 0.60 12.29 -0.06
C ASN C 109 -0.28 11.23 0.57
N VAL C 110 -1.16 10.66 -0.24
CA VAL C 110 -1.91 9.49 0.17
C VAL C 110 -1.02 8.29 -0.15
N HIS C 111 -0.70 7.50 0.88
CA HIS C 111 0.42 6.59 0.77
C HIS C 111 0.29 5.60 -0.38
N GLY C 112 1.16 5.78 -1.37
CA GLY C 112 1.08 4.93 -2.53
C GLY C 112 0.05 5.36 -3.52
N LEU C 113 -0.60 6.50 -3.28
CA LEU C 113 -1.33 7.18 -4.32
C LEU C 113 -0.62 8.42 -4.86
N GLY C 114 0.44 8.85 -4.22
CA GLY C 114 1.04 10.08 -4.54
C GLY C 114 0.27 11.21 -3.90
N VAL C 115 0.58 12.38 -4.38
CA VAL C 115 0.11 13.60 -3.74
C VAL C 115 -1.06 14.25 -4.49
N VAL C 116 -1.99 14.79 -3.71
CA VAL C 116 -3.07 15.62 -4.20
C VAL C 116 -2.74 17.06 -3.79
N ASP C 117 -2.64 17.94 -4.81
CA ASP C 117 -2.05 19.27 -4.67
C ASP C 117 -3.13 20.33 -4.79
N CYS C 118 -3.46 20.95 -3.65
CA CYS C 118 -4.49 21.97 -3.58
C CYS C 118 -3.87 23.35 -3.40
N ASP C 119 -4.08 24.23 -4.40
CA ASP C 119 -3.74 25.65 -4.33
C ASP C 119 -4.92 26.43 -3.78
N LEU C 120 -4.68 27.23 -2.73
CA LEU C 120 -5.75 27.94 -2.03
C LEU C 120 -6.06 29.33 -2.61
N PHE C 121 -5.29 29.80 -3.57
CA PHE C 121 -5.75 30.96 -4.31
C PHE C 121 -6.73 30.53 -5.39
N THR C 122 -6.38 29.53 -6.19
CA THR C 122 -7.19 29.19 -7.36
C THR C 122 -8.34 28.25 -7.02
N VAL C 123 -8.47 27.87 -5.74
CA VAL C 123 -9.36 26.84 -5.22
C VAL C 123 -9.53 25.72 -6.25
N ARG C 124 -8.41 25.11 -6.63
CA ARG C 124 -8.40 23.92 -7.47
C ARG C 124 -7.31 22.99 -6.93
N CYS C 125 -7.61 21.68 -6.95
CA CYS C 125 -6.61 20.67 -6.64
C CYS C 125 -6.07 19.99 -7.90
N ARG C 126 -4.92 19.37 -7.75
CA ARG C 126 -4.10 18.93 -8.86
C ARG C 126 -3.62 17.53 -8.51
N GLY C 127 -3.88 16.54 -9.39
CA GLY C 127 -3.42 15.17 -9.21
C GLY C 127 -1.98 14.91 -9.65
N LEU C 128 -1.08 14.78 -8.67
CA LEU C 128 0.35 14.61 -8.89
C LEU C 128 0.79 13.15 -8.88
N GLY C 129 -0.16 12.22 -8.81
CA GLY C 129 0.22 10.85 -8.60
C GLY C 129 -0.69 9.91 -9.34
N VAL C 130 -1.24 8.97 -8.58
CA VAL C 130 -2.31 8.11 -9.08
C VAL C 130 -3.63 8.87 -9.07
N PHE C 131 -4.47 8.58 -10.03
CA PHE C 131 -5.69 9.35 -10.16
C PHE C 131 -6.87 8.66 -9.44
N SER C 132 -7.28 9.24 -8.31
CA SER C 132 -8.50 8.82 -7.61
C SER C 132 -9.46 10.00 -7.43
N VAL C 133 -10.72 9.66 -7.17
CA VAL C 133 -11.79 10.55 -6.75
C VAL C 133 -11.34 11.44 -5.58
N LEU C 134 -10.19 11.14 -4.95
CA LEU C 134 -9.75 11.95 -3.82
C LEU C 134 -9.47 13.38 -4.25
N ILE C 135 -8.76 13.52 -5.37
CA ILE C 135 -8.44 14.81 -5.95
C ILE C 135 -9.70 15.66 -6.01
N GLY C 136 -10.68 15.12 -6.74
CA GLY C 136 -11.97 15.80 -6.88
C GLY C 136 -12.75 15.93 -5.58
N MET C 137 -12.79 14.87 -4.75
CA MET C 137 -13.45 14.98 -3.45
C MET C 137 -12.90 16.13 -2.63
N ILE C 138 -11.59 16.09 -2.34
CA ILE C 138 -10.94 17.17 -1.58
C ILE C 138 -11.26 18.53 -2.20
N GLU C 139 -11.16 18.63 -3.53
CA GLU C 139 -11.48 19.91 -4.19
C GLU C 139 -12.86 20.39 -3.80
N ASP C 140 -13.87 19.52 -3.96
CA ASP C 140 -15.22 19.90 -3.59
C ASP C 140 -15.27 20.31 -2.14
N ILE C 141 -14.89 19.41 -1.21
CA ILE C 141 -14.83 19.72 0.24
C ILE C 141 -14.48 21.19 0.39
N LEU C 142 -13.42 21.61 -0.35
CA LEU C 142 -12.83 22.94 -0.19
C LEU C 142 -13.61 24.03 -0.89
N LYS C 143 -14.04 23.76 -2.13
CA LYS C 143 -14.82 24.70 -2.93
C LYS C 143 -16.13 25.05 -2.26
N ASN C 144 -16.53 24.31 -1.22
CA ASN C 144 -17.85 24.40 -0.61
C ASN C 144 -17.81 24.78 0.87
N ASP C 145 -16.71 25.30 1.39
CA ASP C 145 -16.67 25.75 2.77
C ASP C 145 -15.74 26.96 2.88
N PRO C 146 -16.19 28.13 2.41
CA PRO C 146 -15.39 29.34 2.62
C PRO C 146 -15.00 29.57 4.09
N THR C 147 -15.74 29.01 5.06
CA THR C 147 -15.22 29.05 6.42
C THR C 147 -13.98 28.20 6.56
N PHE C 148 -13.82 27.16 5.72
CA PHE C 148 -12.59 26.36 5.75
C PHE C 148 -11.42 27.15 5.16
N ILE C 149 -11.56 27.58 3.91
CA ILE C 149 -10.47 28.26 3.21
C ILE C 149 -10.03 29.52 3.94
N GLN C 150 -10.93 30.13 4.73
CA GLN C 150 -10.54 31.25 5.57
C GLN C 150 -9.44 30.83 6.54
N LEU C 151 -9.68 29.74 7.28
CA LEU C 151 -8.68 29.23 8.22
C LEU C 151 -7.37 28.89 7.52
N LEU C 152 -7.44 28.30 6.32
CA LEU C 152 -6.27 27.77 5.66
C LEU C 152 -5.46 28.84 4.93
N ASN C 153 -6.10 29.91 4.46
CA ASN C 153 -5.35 30.87 3.67
C ASN C 153 -5.19 32.16 4.48
N PRO C 154 -6.23 33.00 4.67
CA PRO C 154 -5.99 34.28 5.36
C PRO C 154 -5.77 34.17 6.87
N ARG C 155 -6.58 33.39 7.60
CA ARG C 155 -6.25 33.20 9.02
C ARG C 155 -4.90 32.53 9.16
N CYS C 156 -4.46 31.79 8.14
CA CYS C 156 -3.15 31.14 8.22
C CYS C 156 -2.02 32.12 7.98
N VAL C 157 -2.19 33.04 7.04
CA VAL C 157 -1.17 34.08 6.91
C VAL C 157 -1.26 35.02 8.11
N GLU C 158 -2.43 35.15 8.72
CA GLU C 158 -2.60 35.96 9.93
C GLU C 158 -1.78 35.41 11.11
N ASN C 159 -1.64 34.09 11.21
CA ASN C 159 -0.77 33.56 12.25
C ASN C 159 0.69 33.78 11.93
N LEU C 160 1.04 33.93 10.64
CA LEU C 160 2.44 33.89 10.27
C LEU C 160 3.21 35.12 10.76
N GLN C 161 2.57 36.28 10.88
CA GLN C 161 3.33 37.46 11.29
C GLN C 161 3.47 37.54 12.81
N THR C 162 2.44 37.12 13.56
CA THR C 162 2.59 37.05 15.02
C THR C 162 3.75 36.14 15.40
N VAL C 163 3.85 34.98 14.73
CA VAL C 163 4.99 34.11 14.96
C VAL C 163 6.25 34.63 14.27
N LEU C 164 6.15 35.25 13.11
CA LEU C 164 7.35 35.81 12.52
C LEU C 164 7.86 36.98 13.34
N ARG C 165 6.97 37.87 13.78
CA ARG C 165 7.40 38.97 14.62
C ARG C 165 7.98 38.46 15.94
N ALA C 166 7.21 37.62 16.65
CA ALA C 166 7.70 37.13 17.94
C ALA C 166 8.81 36.12 17.73
N GLY C 167 8.70 35.31 16.69
CA GLY C 167 9.73 34.35 16.42
C GLY C 167 10.93 34.88 15.72
N LYS C 168 10.98 36.18 15.45
CA LYS C 168 12.03 36.73 14.58
C LYS C 168 13.42 36.47 15.16
N THR C 169 13.56 36.54 16.50
CA THR C 169 14.87 36.48 17.18
C THR C 169 15.71 35.29 16.74
N ALA C 170 15.09 34.14 16.53
CA ALA C 170 15.87 32.96 16.15
C ALA C 170 16.30 33.01 14.69
N LEU C 171 15.46 33.53 13.81
CA LEU C 171 15.82 33.49 12.40
C LEU C 171 17.00 34.39 12.10
N GLU C 172 17.13 35.48 12.85
CA GLU C 172 18.29 36.34 12.60
C GLU C 172 19.56 35.71 13.13
N ARG C 173 19.41 34.83 14.12
CA ARG C 173 20.59 34.11 14.66
C ARG C 173 21.33 33.48 13.49
N LYS C 174 22.66 33.50 13.53
CA LYS C 174 23.48 32.83 12.50
C LYS C 174 24.60 32.06 13.21
N VAL C 175 24.98 30.90 12.67
CA VAL C 175 26.00 30.05 13.34
C VAL C 175 27.07 29.67 12.32
N THR C 176 28.17 30.41 12.27
CA THR C 176 29.27 30.04 11.37
C THR C 176 29.78 28.64 11.72
N PRO C 177 30.08 27.82 10.71
CA PRO C 177 30.43 26.41 10.98
C PRO C 177 31.90 26.19 11.26
N GLN C 178 32.32 24.93 11.17
CA GLN C 178 33.72 24.54 11.32
C GLN C 178 34.05 23.68 10.12
N VAL C 179 34.67 24.25 9.11
CA VAL C 179 35.07 23.45 7.95
C VAL C 179 36.32 22.66 8.29
N LEU C 180 36.24 21.33 8.17
CA LEU C 180 37.25 20.41 8.70
C LEU C 180 37.32 19.18 7.81
N VAL C 181 38.44 18.97 7.11
CA VAL C 181 38.54 17.92 6.10
C VAL C 181 39.31 16.74 6.67
N PHE C 182 38.78 15.52 6.46
CA PHE C 182 39.32 14.31 7.06
C PHE C 182 39.55 13.27 5.97
N GLU C 183 40.55 12.42 6.22
CA GLU C 183 40.84 11.31 5.26
C GLU C 183 40.49 10.01 5.98
N ARG C 184 39.78 9.12 5.28
CA ARG C 184 39.18 7.92 5.92
C ARG C 184 39.79 6.67 5.28
N SER C 185 39.73 5.54 5.97
CA SER C 185 40.22 4.32 5.36
C SER C 185 39.35 3.95 4.17
N SER C 186 39.87 3.04 3.35
CA SER C 186 39.16 2.61 2.17
C SER C 186 37.92 1.80 2.56
N THR C 187 36.80 2.10 1.91
CA THR C 187 35.58 1.32 2.06
C THR C 187 35.15 0.78 0.69
N ALA C 188 34.04 0.06 0.68
CA ALA C 188 33.58 -0.61 -0.53
C ALA C 188 33.20 0.43 -1.59
N GLU C 189 33.80 0.29 -2.78
CA GLU C 189 33.67 1.28 -3.86
C GLU C 189 34.08 2.67 -3.36
N MET C 190 34.97 2.73 -2.36
CA MET C 190 35.51 3.99 -1.81
C MET C 190 36.99 3.71 -1.53
N SER C 191 37.81 3.73 -2.59
CA SER C 191 39.25 3.51 -2.44
C SER C 191 39.86 4.55 -1.52
N THR C 192 39.73 5.83 -1.87
CA THR C 192 40.28 6.91 -1.06
C THR C 192 39.17 7.91 -0.74
N PRO C 193 38.56 7.83 0.43
CA PRO C 193 37.55 8.81 0.80
C PRO C 193 38.14 10.05 1.44
N LEU C 194 37.49 11.17 1.17
CA LEU C 194 37.91 12.45 1.75
C LEU C 194 36.68 13.26 2.12
N LEU C 195 36.51 13.50 3.41
CA LEU C 195 35.28 14.07 3.94
C LEU C 195 35.46 15.53 4.33
N CYS C 196 34.60 16.40 3.81
CA CYS C 196 34.43 17.74 4.37
C CYS C 196 33.35 17.71 5.45
N LEU C 197 33.66 18.18 6.66
CA LEU C 197 32.68 18.14 7.74
C LEU C 197 32.22 19.53 8.19
N ILE C 198 31.64 20.29 7.29
CA ILE C 198 31.07 21.58 7.66
C ILE C 198 30.07 21.39 8.80
N THR C 199 30.46 21.61 10.05
CA THR C 199 29.51 21.38 11.12
C THR C 199 29.12 22.65 11.83
N ALA C 200 27.86 22.64 12.29
CA ALA C 200 27.20 23.69 13.06
C ALA C 200 27.00 24.96 12.23
N PHE C 201 26.03 24.96 11.33
CA PHE C 201 25.61 26.17 10.64
C PHE C 201 24.10 26.24 10.71
N TYR C 202 23.57 27.37 11.22
CA TYR C 202 22.13 27.55 11.35
C TYR C 202 21.45 27.89 10.02
N PRO C 203 21.87 28.95 9.26
CA PRO C 203 21.06 29.30 8.08
C PRO C 203 21.23 28.18 7.07
N ARG C 204 20.26 27.26 7.03
CA ARG C 204 20.41 26.04 6.24
C ARG C 204 20.97 26.35 4.87
N THR C 205 20.74 27.56 4.39
CA THR C 205 21.31 27.95 3.12
C THR C 205 22.84 28.00 3.20
N ILE C 206 23.50 27.18 2.36
CA ILE C 206 24.97 27.13 2.29
C ILE C 206 25.43 26.52 0.97
N ASN C 207 26.37 27.17 0.31
CA ASN C 207 27.03 26.63 -0.87
C ASN C 207 28.32 25.91 -0.41
N ALA C 208 28.49 24.64 -0.80
CA ALA C 208 29.67 23.88 -0.43
C ALA C 208 30.07 22.93 -1.57
N THR C 209 31.12 23.27 -2.29
CA THR C 209 31.59 22.49 -3.42
C THR C 209 32.98 21.92 -3.13
N TRP C 210 33.38 20.94 -3.93
CA TRP C 210 34.70 20.34 -3.90
C TRP C 210 35.36 20.60 -5.24
N LEU C 211 36.58 21.13 -5.21
CA LEU C 211 37.28 21.54 -6.43
C LEU C 211 38.58 20.74 -6.62
N ARG C 212 38.76 20.20 -7.83
CA ARG C 212 39.93 19.39 -8.15
C ARG C 212 41.15 20.28 -7.98
N LYS C 213 41.36 21.22 -8.89
CA LYS C 213 42.41 22.21 -8.73
C LYS C 213 41.84 23.51 -9.29
N GLY C 214 40.69 23.91 -8.76
N GLY C 214 40.69 23.92 -8.75
CA GLY C 214 39.96 25.06 -9.22
CA GLY C 214 39.98 25.08 -9.25
C GLY C 214 38.87 24.75 -10.21
C GLY C 214 38.91 24.75 -10.26
N GLU C 215 38.65 23.46 -10.49
CA GLU C 215 37.63 23.01 -11.37
C GLU C 215 36.66 22.25 -10.47
N PRO C 216 35.36 22.54 -10.52
CA PRO C 216 34.40 21.89 -9.61
C PRO C 216 34.21 20.39 -9.84
N VAL C 217 34.74 19.58 -8.91
CA VAL C 217 34.63 18.13 -9.02
C VAL C 217 33.27 17.73 -8.46
N SER C 218 32.55 16.92 -9.25
CA SER C 218 31.31 16.30 -8.85
C SER C 218 31.34 14.79 -9.00
N GLU C 219 32.34 14.23 -9.68
CA GLU C 219 32.51 12.79 -9.74
C GLU C 219 32.60 12.22 -8.33
N ASP C 220 31.73 11.26 -8.03
CA ASP C 220 31.73 10.53 -6.74
C ASP C 220 31.51 11.49 -5.58
N LEU C 221 30.35 12.15 -5.57
CA LEU C 221 30.06 13.16 -4.56
C LEU C 221 28.78 12.79 -3.81
N THR C 222 28.90 12.52 -2.51
CA THR C 222 27.77 12.13 -1.66
C THR C 222 27.57 13.23 -0.61
N VAL C 223 26.80 14.24 -0.93
CA VAL C 223 26.47 15.27 0.07
C VAL C 223 25.33 14.77 0.95
N MET C 224 25.32 15.23 2.21
CA MET C 224 24.44 14.63 3.21
C MET C 224 24.34 15.60 4.38
N VAL C 225 23.38 16.52 4.35
CA VAL C 225 23.17 17.44 5.46
C VAL C 225 22.29 16.76 6.51
N LEU C 226 22.83 16.54 7.72
CA LEU C 226 22.20 15.97 8.90
C LEU C 226 21.84 17.09 9.87
N PRO C 227 20.86 16.91 10.72
CA PRO C 227 20.69 17.89 11.79
C PRO C 227 21.82 17.76 12.81
N ASN C 228 22.01 18.79 13.63
CA ASN C 228 22.61 18.56 14.95
C ASN C 228 21.49 18.63 15.97
N HIS C 229 21.85 18.90 17.23
CA HIS C 229 20.88 19.01 18.31
C HIS C 229 20.49 20.46 18.63
N ASP C 230 21.28 21.42 18.11
CA ASP C 230 21.09 22.85 18.44
C ASP C 230 20.57 23.66 17.25
N ALA C 231 19.58 23.13 16.54
CA ALA C 231 18.94 23.82 15.42
C ALA C 231 19.96 24.35 14.40
N THR C 232 21.16 23.76 14.37
CA THR C 232 22.08 23.92 13.25
C THR C 232 22.20 22.59 12.51
N TYR C 233 22.86 22.65 11.35
CA TYR C 233 23.07 21.46 10.54
C TYR C 233 24.53 21.14 10.50
N ARG C 234 24.83 19.89 10.21
CA ARG C 234 26.16 19.51 9.79
C ARG C 234 26.00 18.96 8.37
N MET C 235 26.99 19.22 7.53
CA MET C 235 26.99 18.72 6.17
C MET C 235 28.20 17.83 6.05
N GLU C 236 28.08 16.77 5.28
CA GLU C 236 29.21 15.91 5.01
C GLU C 236 29.31 15.76 3.50
N ILE C 237 30.36 16.31 2.89
CA ILE C 237 30.62 16.07 1.48
C ILE C 237 31.72 15.03 1.41
N LEU C 238 31.44 13.93 0.74
CA LEU C 238 32.44 12.88 0.54
C LEU C 238 32.80 12.82 -0.94
N ILE C 239 34.10 12.72 -1.22
CA ILE C 239 34.61 12.43 -2.56
C ILE C 239 35.52 11.21 -2.49
N ASP C 240 35.42 10.37 -3.52
CA ASP C 240 36.33 9.24 -3.68
C ASP C 240 37.50 9.76 -4.51
N ILE C 241 38.64 9.98 -3.84
CA ILE C 241 39.85 10.48 -4.55
C ILE C 241 40.45 9.32 -5.34
N LYS C 242 40.27 9.32 -6.66
CA LYS C 242 40.85 8.26 -7.52
C LYS C 242 42.37 8.36 -7.43
N ASN C 243 42.96 7.82 -6.36
CA ASN C 243 44.42 7.82 -6.27
C ASN C 243 44.98 9.10 -6.90
N ASN C 244 44.39 10.23 -6.53
CA ASN C 244 44.98 11.54 -6.73
C ASN C 244 45.67 11.97 -5.43
N ASP C 245 45.97 13.28 -5.30
CA ASP C 245 46.58 13.77 -4.07
C ASP C 245 45.57 14.60 -3.31
N PRO C 246 45.43 14.36 -2.00
CA PRO C 246 44.49 15.15 -1.19
C PRO C 246 44.72 16.65 -1.24
N SER C 247 45.98 17.11 -1.40
CA SER C 247 46.29 18.52 -1.23
C SER C 247 45.78 19.36 -2.37
N ASN C 248 45.49 18.77 -3.54
CA ASN C 248 44.85 19.54 -4.59
C ASN C 248 43.41 19.87 -4.25
N TYR C 249 42.73 18.98 -3.55
CA TYR C 249 41.32 19.21 -3.30
C TYR C 249 41.15 20.23 -2.18
N TYR C 250 40.22 21.15 -2.38
CA TYR C 250 39.87 22.19 -1.42
C TYR C 250 38.35 22.24 -1.26
N CYS C 251 37.88 22.46 -0.03
CA CYS C 251 36.45 22.58 0.26
C CYS C 251 36.02 24.05 0.20
N GLN C 252 35.25 24.42 -0.83
CA GLN C 252 34.77 25.79 -0.99
C GLN C 252 33.41 25.91 -0.31
N VAL C 253 33.37 26.54 0.86
CA VAL C 253 32.18 26.63 1.70
C VAL C 253 31.72 28.07 1.74
N GLN C 254 30.64 28.36 1.04
CA GLN C 254 30.09 29.70 0.97
C GLN C 254 28.83 29.71 1.83
N HIS C 255 28.96 30.15 3.08
CA HIS C 255 27.86 30.11 4.02
C HIS C 255 27.43 31.53 4.37
N CYS C 256 26.13 31.68 4.65
CA CYS C 256 25.44 32.97 4.80
C CYS C 256 26.25 33.99 5.57
N SER C 257 26.69 33.64 6.78
CA SER C 257 27.72 34.43 7.46
C SER C 257 29.11 33.85 7.16
N GLY D 2 11.59 -0.08 1.67
CA GLY D 2 11.61 1.22 2.30
C GLY D 2 12.27 1.21 3.67
N SER D 3 13.46 0.73 3.72
CA SER D 3 14.24 0.63 4.94
C SER D 3 15.02 1.92 5.22
N PRO D 4 15.20 2.26 6.48
CA PRO D 4 15.57 3.63 6.86
C PRO D 4 17.06 3.91 6.74
N ASN D 5 17.37 5.17 6.41
CA ASN D 5 18.74 5.67 6.35
C ASN D 5 19.14 6.29 7.70
N VAL D 6 20.07 5.64 8.42
CA VAL D 6 20.31 5.95 9.83
C VAL D 6 21.79 6.29 10.00
N GLN D 7 22.07 7.28 10.84
CA GLN D 7 23.40 7.85 10.99
C GLN D 7 23.65 8.17 12.45
N VAL D 8 24.77 7.64 12.97
CA VAL D 8 25.33 8.02 14.26
C VAL D 8 26.62 8.80 14.04
N TYR D 9 26.83 9.77 14.91
CA TYR D 9 27.80 10.82 14.70
C TYR D 9 27.75 11.66 15.95
N THR D 10 28.88 12.29 16.26
CA THR D 10 28.98 13.11 17.44
C THR D 10 28.88 14.57 16.99
N TYR D 11 28.27 15.40 17.83
CA TYR D 11 28.14 16.82 17.51
C TYR D 11 29.48 17.38 17.00
N LYS D 12 30.48 17.37 17.86
CA LYS D 12 31.83 17.86 17.53
C LYS D 12 32.70 16.66 17.16
N LEU D 13 33.94 16.56 17.66
CA LEU D 13 34.85 15.46 17.35
C LEU D 13 35.13 14.69 18.63
N ILE D 14 35.26 13.37 18.51
CA ILE D 14 35.35 12.52 19.69
C ILE D 14 36.68 12.77 20.39
N LYS D 15 36.63 13.33 21.61
CA LYS D 15 37.83 13.49 22.44
C LYS D 15 37.46 13.17 23.89
N GLU D 16 38.24 12.31 24.52
CA GLU D 16 37.95 11.89 25.89
C GLU D 16 38.07 13.07 26.82
N GLY D 17 37.14 13.17 27.77
CA GLY D 17 37.10 14.26 28.71
C GLY D 17 36.19 15.42 28.32
N GLU D 18 35.94 15.63 27.02
CA GLU D 18 35.02 16.68 26.58
C GLU D 18 33.60 16.16 26.44
N SER D 19 32.64 17.07 26.61
CA SER D 19 31.23 16.74 26.41
C SER D 19 30.87 16.91 24.93
N ASN D 20 30.35 15.86 24.32
CA ASN D 20 29.76 15.90 22.98
C ASN D 20 28.33 15.39 23.05
N VAL D 21 27.67 15.37 21.89
CA VAL D 21 26.32 14.85 21.81
C VAL D 21 26.30 13.67 20.85
N LEU D 22 25.72 12.55 21.29
CA LEU D 22 25.53 11.37 20.46
C LEU D 22 24.21 11.52 19.72
N LEU D 23 24.21 11.18 18.44
CA LEU D 23 23.13 11.58 17.55
C LEU D 23 22.81 10.42 16.62
N CYS D 24 21.60 9.87 16.74
CA CYS D 24 21.01 8.95 15.76
C CYS D 24 19.94 9.71 14.99
N HIS D 25 20.10 9.80 13.67
CA HIS D 25 19.13 10.39 12.76
C HIS D 25 18.70 9.33 11.76
N ALA D 26 17.41 9.04 11.70
CA ALA D 26 16.92 8.14 10.69
C ALA D 26 15.98 8.87 9.75
N LYS D 27 15.98 8.45 8.49
CA LYS D 27 15.20 9.14 7.49
C LYS D 27 14.89 8.15 6.37
N ASP D 28 13.86 8.48 5.58
CA ASP D 28 13.53 7.63 4.41
C ASP D 28 13.18 6.22 4.86
N PHE D 29 12.29 6.08 5.84
CA PHE D 29 11.86 4.76 6.28
C PHE D 29 10.38 4.55 5.95
N SER D 30 10.06 3.41 5.29
CA SER D 30 8.78 3.35 4.61
C SER D 30 7.68 3.38 5.65
N PRO D 31 7.42 2.36 6.48
CA PRO D 31 6.47 2.57 7.58
C PRO D 31 7.09 3.52 8.58
N PRO D 32 6.32 4.43 9.17
CA PRO D 32 6.90 5.43 10.07
C PRO D 32 7.05 4.91 11.49
N ASN D 33 6.46 3.75 11.80
CA ASN D 33 6.70 3.10 13.08
C ASN D 33 8.15 2.63 13.09
N ILE D 34 8.96 3.30 13.91
CA ILE D 34 10.39 3.07 14.08
C ILE D 34 10.76 3.33 15.54
N LYS D 35 11.70 2.57 16.06
CA LYS D 35 12.24 2.85 17.38
C LYS D 35 13.74 3.05 17.25
N LEU D 36 14.24 4.04 17.97
CA LEU D 36 15.67 4.34 18.02
C LEU D 36 16.15 4.13 19.44
N GLU D 37 17.22 3.36 19.60
CA GLU D 37 17.80 3.08 20.90
C GLU D 37 19.29 3.38 20.81
N LEU D 38 19.74 4.46 21.46
CA LEU D 38 21.16 4.77 21.56
C LEU D 38 21.84 3.87 22.59
N LEU D 39 23.08 3.47 22.31
CA LEU D 39 23.75 2.39 23.04
C LEU D 39 25.14 2.81 23.50
N GLU D 40 25.41 2.62 24.80
CA GLU D 40 26.75 2.75 25.36
C GLU D 40 27.31 1.35 25.54
N ASN D 41 28.44 1.07 24.88
CA ASN D 41 29.00 -0.28 24.71
C ASN D 41 27.91 -1.37 24.76
N GLY D 42 26.75 -1.10 24.15
CA GLY D 42 25.65 -2.05 24.11
C GLY D 42 24.50 -1.82 25.07
N ARG D 43 24.58 -0.84 25.97
CA ARG D 43 23.53 -0.59 26.95
C ARG D 43 22.78 0.69 26.61
N ILE D 44 21.45 0.63 26.74
CA ILE D 44 20.61 1.80 26.48
C ILE D 44 20.95 2.89 27.48
N ILE D 45 21.37 4.04 26.98
CA ILE D 45 21.63 5.25 27.77
C ILE D 45 20.31 5.74 28.36
N PRO D 46 20.27 6.34 29.56
CA PRO D 46 19.03 6.89 30.06
C PRO D 46 18.99 8.39 29.74
N ASN D 47 17.80 8.98 29.76
CA ASN D 47 17.71 10.45 29.57
C ASN D 47 18.17 10.77 28.16
N THR D 48 17.37 10.40 27.16
CA THR D 48 17.72 10.63 25.74
C THR D 48 16.52 11.26 25.02
N THR D 49 16.65 12.52 24.60
CA THR D 49 15.50 13.21 23.97
C THR D 49 15.33 12.72 22.53
N GLN D 50 14.12 12.30 22.15
CA GLN D 50 13.89 11.92 20.77
C GLN D 50 13.00 12.95 20.10
N SER D 51 13.29 13.24 18.84
CA SER D 51 12.53 14.22 18.07
C SER D 51 11.05 13.83 18.01
N ASP D 52 10.21 14.80 17.70
CA ASP D 52 8.89 14.47 17.19
C ASP D 52 9.03 13.87 15.80
N LEU D 53 8.36 12.74 15.59
CA LEU D 53 8.32 12.17 14.25
C LEU D 53 7.66 13.18 13.31
N SER D 54 8.33 13.46 12.21
CA SER D 54 7.86 14.44 11.23
C SER D 54 8.44 14.04 9.87
N PHE D 55 8.41 14.95 8.90
CA PHE D 55 8.92 14.68 7.57
C PHE D 55 9.27 15.99 6.89
N GLU D 56 9.93 15.90 5.75
CA GLU D 56 10.35 17.09 5.04
C GLU D 56 9.52 17.23 3.77
N SER D 57 9.85 18.21 2.94
CA SER D 57 9.04 18.42 1.75
C SER D 57 9.15 17.27 0.76
N ASP D 58 10.21 16.47 0.80
CA ASP D 58 10.28 15.28 -0.05
C ASP D 58 9.40 14.12 0.47
N TRP D 59 8.46 14.40 1.39
CA TRP D 59 7.54 13.47 2.03
C TRP D 59 8.23 12.31 2.75
N SER D 60 9.53 12.41 3.01
CA SER D 60 10.25 11.30 3.59
C SER D 60 10.42 11.54 5.09
N PHE D 61 10.15 10.51 5.88
CA PHE D 61 10.11 10.72 7.34
C PHE D 61 11.49 11.00 7.91
N LYS D 62 11.53 11.58 9.11
CA LYS D 62 12.82 11.92 9.74
C LYS D 62 12.66 11.85 11.26
N LEU D 63 13.59 11.20 11.94
CA LEU D 63 13.57 11.19 13.42
C LEU D 63 15.02 11.33 13.90
N THR D 64 15.21 11.99 15.04
CA THR D 64 16.60 12.23 15.53
C THR D 64 16.65 12.10 17.05
N ARG D 65 17.29 11.04 17.56
CA ARG D 65 17.44 10.86 19.00
C ARG D 65 18.86 11.25 19.42
N TYR D 66 18.98 11.97 20.57
CA TYR D 66 20.26 12.49 21.04
C TYR D 66 20.41 12.40 22.56
N VAL D 67 21.67 12.37 23.00
CA VAL D 67 22.00 12.34 24.43
C VAL D 67 23.34 13.03 24.65
N GLU D 68 23.45 13.75 25.78
CA GLU D 68 24.65 14.47 26.14
C GLU D 68 25.67 13.52 26.76
N PHE D 69 26.92 13.58 26.29
CA PHE D 69 27.81 12.45 26.54
C PHE D 69 29.28 12.80 26.27
N THR D 70 30.14 12.44 27.25
CA THR D 70 31.58 12.62 27.34
C THR D 70 32.32 11.32 27.05
N PRO D 71 33.10 11.23 25.96
CA PRO D 71 33.72 9.94 25.57
C PRO D 71 34.61 9.36 26.67
N GLN D 72 34.27 8.15 27.11
CA GLN D 72 34.90 7.51 28.26
C GLN D 72 36.13 6.69 27.86
N SER D 73 36.01 5.36 27.82
CA SER D 73 37.14 4.50 27.50
C SER D 73 36.98 3.89 26.11
N GLY D 74 36.77 4.72 25.10
CA GLY D 74 36.53 4.22 23.76
C GLY D 74 35.44 3.17 23.69
N TYR D 75 34.35 3.35 24.44
CA TYR D 75 33.28 2.38 24.43
C TYR D 75 32.69 2.25 23.04
N LYS D 76 31.92 1.18 22.84
CA LYS D 76 31.23 0.96 21.57
C LYS D 76 29.93 1.76 21.57
N TYR D 77 29.93 2.90 20.88
CA TYR D 77 28.78 3.79 20.83
C TYR D 77 27.99 3.54 19.55
N SER D 78 26.76 3.08 19.72
CA SER D 78 25.94 2.61 18.62
C SER D 78 24.51 3.05 18.84
N CYS D 79 23.64 2.69 17.89
CA CYS D 79 22.22 2.99 18.00
C CYS D 79 21.46 1.82 17.38
N MET D 80 20.19 1.71 17.76
CA MET D 80 19.41 0.49 17.66
C MET D 80 18.06 0.78 17.04
N VAL D 81 17.88 0.44 15.76
CA VAL D 81 16.71 0.89 15.00
C VAL D 81 15.74 -0.28 14.83
N THR D 82 14.75 -0.35 15.72
CA THR D 82 13.60 -1.24 15.51
C THR D 82 12.63 -0.58 14.54
N HIS D 83 12.70 -0.98 13.27
CA HIS D 83 11.77 -0.53 12.23
C HIS D 83 11.27 -1.73 11.46
N ASN D 84 9.95 -1.76 11.20
CA ASN D 84 9.32 -2.87 10.47
C ASN D 84 9.62 -4.21 11.15
N GLY D 85 9.67 -4.21 12.49
CA GLY D 85 9.96 -5.40 13.26
C GLY D 85 11.43 -5.78 13.34
N ASP D 86 12.26 -5.34 12.39
CA ASP D 86 13.68 -5.63 12.40
C ASP D 86 14.46 -4.57 13.16
N SER D 87 15.41 -5.03 13.95
CA SER D 87 16.27 -4.18 14.75
C SER D 87 17.70 -4.30 14.23
N LYS D 88 18.23 -3.21 13.68
CA LYS D 88 19.61 -3.18 13.18
C LYS D 88 20.37 -2.11 13.93
N GLU D 89 21.52 -2.51 14.46
CA GLU D 89 22.40 -1.62 15.20
C GLU D 89 23.39 -1.00 14.24
N ILE D 90 23.67 0.28 14.40
CA ILE D 90 24.61 0.96 13.52
C ILE D 90 25.76 1.45 14.38
N GLN D 91 26.95 0.91 14.11
CA GLN D 91 28.15 1.28 14.86
C GLN D 91 28.55 2.67 14.39
N LEU D 92 28.95 3.51 15.32
CA LEU D 92 29.22 4.90 14.98
C LEU D 92 30.28 4.98 13.90
N ASP D 93 30.03 5.83 12.92
CA ASP D 93 30.97 6.00 11.83
C ASP D 93 31.73 7.31 12.00
N GLY E 1 7.80 -10.48 -43.11
N GLY E 1 9.41 -8.56 -42.56
CA GLY E 1 8.87 -9.86 -42.36
CA GLY E 1 8.90 -9.90 -42.33
C GLY E 1 8.85 -10.28 -40.89
C GLY E 1 8.87 -10.27 -40.87
N SER E 2 8.00 -9.61 -40.11
CA SER E 2 7.86 -9.85 -38.66
C SER E 2 9.21 -9.78 -37.95
N HIS E 3 9.93 -8.70 -38.20
CA HIS E 3 11.28 -8.52 -37.69
C HIS E 3 11.26 -7.42 -36.64
N THR E 4 11.47 -7.81 -35.39
CA THR E 4 11.28 -6.94 -34.24
C THR E 4 12.59 -6.83 -33.48
N LEU E 5 13.01 -5.58 -33.24
CA LEU E 5 14.23 -5.31 -32.43
C LEU E 5 13.77 -4.82 -31.07
N GLN E 6 13.75 -5.69 -30.06
CA GLN E 6 13.25 -5.34 -28.73
C GLN E 6 14.41 -5.03 -27.79
N TYR E 7 14.35 -3.89 -27.10
CA TYR E 7 15.24 -3.55 -25.98
C TYR E 7 14.44 -3.62 -24.68
N LEU E 8 14.81 -4.54 -23.80
CA LEU E 8 14.02 -4.84 -22.60
C LEU E 8 14.82 -4.39 -21.39
N PHE E 9 14.25 -3.48 -20.64
CA PHE E 9 14.94 -2.87 -19.50
C PHE E 9 14.27 -3.34 -18.21
N ILE E 10 15.07 -3.61 -17.19
CA ILE E 10 14.55 -3.78 -15.84
C ILE E 10 15.16 -2.70 -14.96
N TYR E 11 14.35 -1.75 -14.49
CA TYR E 11 14.84 -0.69 -13.63
C TYR E 11 14.37 -0.90 -12.19
N ALA E 12 15.34 -1.03 -11.27
CA ALA E 12 15.10 -1.42 -9.88
C ALA E 12 15.89 -0.49 -8.96
N PRO E 13 15.38 0.70 -8.72
CA PRO E 13 16.03 1.65 -7.82
C PRO E 13 16.30 1.02 -6.47
N GLN E 14 17.50 1.27 -5.95
CA GLN E 14 17.87 0.87 -4.60
C GLN E 14 17.36 -0.54 -4.30
N HIS E 15 17.75 -1.48 -5.14
CA HIS E 15 17.44 -2.86 -4.82
C HIS E 15 18.75 -3.60 -4.59
N PRO E 16 18.85 -4.39 -3.51
CA PRO E 16 20.13 -5.02 -3.17
C PRO E 16 20.59 -6.07 -4.17
N ASP E 17 19.76 -7.10 -4.39
CA ASP E 17 20.16 -8.19 -5.28
C ASP E 17 20.34 -7.74 -6.72
N LEU E 18 19.87 -6.55 -7.06
CA LEU E 18 19.58 -6.22 -8.43
C LEU E 18 20.33 -4.94 -8.78
N PRO E 19 20.74 -4.77 -10.03
CA PRO E 19 21.26 -3.48 -10.46
C PRO E 19 20.13 -2.51 -10.77
N GLU E 20 20.49 -1.23 -10.77
CA GLU E 20 19.52 -0.19 -11.08
C GLU E 20 18.90 -0.42 -12.45
N LEU E 21 19.70 -0.45 -13.50
CA LEU E 21 19.17 -0.67 -14.83
C LEU E 21 19.78 -1.95 -15.40
N SER E 22 18.96 -2.76 -16.04
CA SER E 22 19.39 -3.99 -16.67
C SER E 22 18.68 -4.01 -18.01
N MET E 23 19.34 -3.55 -19.06
CA MET E 23 18.78 -3.73 -20.38
C MET E 23 19.33 -4.97 -21.06
N SER E 24 18.42 -5.74 -21.63
CA SER E 24 18.71 -6.83 -22.54
C SER E 24 18.23 -6.41 -23.91
N GLY E 25 19.02 -6.69 -24.94
CA GLY E 25 18.64 -6.41 -26.33
C GLY E 25 18.39 -7.73 -27.07
N MET E 26 17.24 -7.80 -27.76
CA MET E 26 16.67 -9.10 -28.18
C MET E 26 16.05 -8.95 -29.57
N LEU E 27 16.88 -9.05 -30.61
CA LEU E 27 16.36 -9.17 -31.98
C LEU E 27 15.60 -10.49 -32.12
N ASP E 28 14.29 -10.41 -32.36
CA ASP E 28 13.46 -11.59 -32.58
C ASP E 28 13.65 -12.57 -31.41
N ASP E 29 14.09 -13.80 -31.70
CA ASP E 29 14.30 -14.82 -30.68
C ASP E 29 15.66 -14.71 -30.01
N LEU E 30 16.52 -13.81 -30.46
CA LEU E 30 17.96 -13.88 -30.20
C LEU E 30 18.43 -12.70 -29.37
N GLN E 31 18.91 -12.97 -28.17
CA GLN E 31 19.47 -11.89 -27.36
C GLN E 31 20.78 -11.46 -27.98
N ILE E 32 20.92 -10.17 -28.27
CA ILE E 32 22.09 -9.67 -28.97
C ILE E 32 22.97 -8.82 -28.10
N GLU E 33 22.57 -8.48 -26.88
CA GLU E 33 23.46 -7.66 -26.06
C GLU E 33 22.89 -7.52 -24.66
N TYR E 34 23.72 -6.98 -23.77
CA TYR E 34 23.28 -6.75 -22.41
C TYR E 34 24.08 -5.59 -21.85
N TYR E 35 23.50 -4.93 -20.85
CA TYR E 35 24.07 -3.83 -20.10
C TYR E 35 23.43 -3.86 -18.73
N ASP E 36 24.22 -3.66 -17.70
CA ASP E 36 23.67 -3.22 -16.43
C ASP E 36 24.64 -2.20 -15.83
N SER E 37 24.26 -1.61 -14.70
CA SER E 37 24.99 -0.47 -14.13
C SER E 37 26.30 -0.90 -13.47
N SER E 38 26.51 -2.20 -13.28
CA SER E 38 27.80 -2.69 -12.86
C SER E 38 28.75 -2.80 -14.05
N LEU E 39 28.24 -3.29 -15.18
CA LEU E 39 29.06 -3.55 -16.36
C LEU E 39 29.56 -2.28 -17.06
N LYS E 40 28.95 -1.11 -16.77
CA LYS E 40 29.41 0.22 -17.27
C LYS E 40 29.85 0.22 -18.74
N GLN E 41 29.36 -0.72 -19.57
CA GLN E 41 29.63 -0.80 -21.00
C GLN E 41 28.79 -1.94 -21.60
N ILE E 42 28.03 -1.69 -22.67
CA ILE E 42 27.21 -2.72 -23.28
C ILE E 42 28.13 -3.81 -23.76
N GLN E 43 27.78 -5.02 -23.32
CA GLN E 43 28.55 -6.21 -23.70
C GLN E 43 27.73 -6.98 -24.71
N PRO E 44 28.33 -7.58 -25.75
CA PRO E 44 27.56 -8.24 -26.79
C PRO E 44 27.28 -9.71 -26.54
N ARG E 45 26.00 -10.10 -26.58
CA ARG E 45 25.67 -11.55 -26.51
C ARG E 45 25.67 -12.03 -27.96
N GLN E 46 25.64 -13.35 -28.21
CA GLN E 46 25.77 -13.81 -29.60
C GLN E 46 27.06 -13.36 -30.28
N GLN E 47 28.02 -14.28 -30.49
CA GLN E 47 29.39 -13.89 -30.87
C GLN E 47 29.41 -12.95 -32.06
N TRP E 48 28.60 -13.25 -33.08
CA TRP E 48 28.55 -12.52 -34.35
C TRP E 48 28.20 -11.04 -34.20
N MET E 49 27.74 -10.61 -33.03
CA MET E 49 27.59 -9.19 -32.78
C MET E 49 28.95 -8.54 -32.56
N ALA E 50 29.86 -9.24 -31.87
CA ALA E 50 31.19 -8.68 -31.65
C ALA E 50 31.90 -8.41 -32.96
N SER E 51 31.75 -9.31 -33.93
CA SER E 51 32.58 -9.39 -35.13
C SER E 51 32.04 -8.56 -36.30
N LYS E 52 30.72 -8.52 -36.48
CA LYS E 52 30.10 -7.91 -37.66
C LYS E 52 29.61 -6.49 -37.46
N ILE E 53 29.59 -5.96 -36.24
CA ILE E 53 28.95 -4.68 -35.92
C ILE E 53 30.01 -3.67 -35.50
N THR E 54 29.94 -2.45 -36.05
CA THR E 54 30.93 -1.41 -35.84
C THR E 54 30.99 -0.97 -34.37
N GLU E 55 32.09 -0.33 -33.99
CA GLU E 55 32.13 0.25 -32.63
C GLU E 55 31.14 1.41 -32.64
N ASP E 56 31.01 2.08 -33.79
CA ASP E 56 30.14 3.23 -33.84
C ASP E 56 28.70 2.88 -33.47
N TYR E 57 28.37 1.59 -33.47
CA TYR E 57 27.05 1.17 -33.00
C TYR E 57 27.04 1.00 -31.49
N TRP E 58 28.03 0.31 -30.95
CA TRP E 58 28.09 0.20 -29.50
C TRP E 58 28.18 1.57 -28.84
N GLN E 59 28.81 2.54 -29.48
CA GLN E 59 28.74 3.90 -28.94
C GLN E 59 27.34 4.47 -29.13
N GLU E 60 26.71 4.16 -30.27
CA GLU E 60 25.36 4.66 -30.53
C GLU E 60 24.38 4.02 -29.56
N GLN E 61 24.65 2.76 -29.19
CA GLN E 61 23.81 2.06 -28.24
C GLN E 61 24.17 2.43 -26.81
N ASN E 62 25.43 2.76 -26.55
CA ASN E 62 25.76 3.32 -25.24
C ASN E 62 25.12 4.67 -25.07
N MET E 63 24.77 5.32 -26.18
CA MET E 63 24.25 6.68 -26.14
C MET E 63 22.75 6.70 -25.90
N ALA E 64 22.06 5.61 -26.27
CA ALA E 64 20.64 5.46 -26.00
C ALA E 64 20.37 4.95 -24.59
N VAL E 65 21.25 4.11 -24.04
CA VAL E 65 21.07 3.70 -22.63
C VAL E 65 20.99 4.93 -21.76
N ASP E 66 21.89 5.87 -22.00
CA ASP E 66 21.83 7.13 -21.28
C ASP E 66 20.56 7.89 -21.63
N ALA E 67 20.24 8.03 -22.92
CA ALA E 67 19.03 8.74 -23.35
C ALA E 67 17.80 8.30 -22.55
N LEU E 68 17.47 7.00 -22.59
CA LEU E 68 16.32 6.54 -21.80
C LEU E 68 16.55 6.77 -20.31
N GLN E 69 17.81 6.86 -19.91
CA GLN E 69 18.08 6.99 -18.46
C GLN E 69 17.90 8.44 -18.03
N ASN E 70 18.47 9.39 -18.76
CA ASN E 70 18.39 10.78 -18.32
C ASN E 70 17.13 11.47 -18.77
N HIS E 71 16.58 11.05 -19.92
CA HIS E 71 15.32 11.63 -20.39
C HIS E 71 14.10 11.12 -19.65
N ILE E 72 14.17 9.90 -19.09
CA ILE E 72 13.01 9.19 -18.55
C ILE E 72 13.32 8.73 -17.13
N PHE E 73 14.11 7.64 -16.98
CA PHE E 73 14.24 6.99 -15.67
C PHE E 73 14.68 7.96 -14.59
N ARG E 74 15.44 8.99 -14.93
CA ARG E 74 15.79 9.97 -13.92
C ARG E 74 14.59 10.79 -13.51
N LYS E 75 13.82 11.23 -14.51
CA LYS E 75 12.70 12.11 -14.27
C LYS E 75 11.62 11.43 -13.43
N ILE E 76 11.36 10.13 -13.63
CA ILE E 76 10.24 9.51 -12.93
C ILE E 76 10.69 8.91 -11.62
N ALA E 77 11.99 8.96 -11.34
CA ALA E 77 12.52 8.43 -10.10
C ALA E 77 11.90 9.07 -8.86
N PRO E 78 11.80 10.40 -8.73
CA PRO E 78 11.17 10.95 -7.55
C PRO E 78 9.82 10.27 -7.33
N LEU E 79 8.97 10.30 -8.35
CA LEU E 79 7.62 9.73 -8.15
C LEU E 79 7.74 8.26 -7.77
N VAL E 80 8.41 7.45 -8.58
CA VAL E 80 8.46 6.00 -8.27
C VAL E 80 8.67 5.84 -6.76
N THR E 81 9.44 6.72 -6.14
CA THR E 81 9.69 6.49 -4.70
C THR E 81 8.51 6.98 -3.86
N ILE E 82 8.02 8.20 -4.13
CA ILE E 82 6.78 8.70 -3.49
C ILE E 82 5.64 7.72 -3.59
N LEU E 83 5.49 7.04 -4.74
CA LEU E 83 4.50 5.97 -4.90
C LEU E 83 4.94 4.62 -4.36
N GLY E 84 6.21 4.47 -4.00
CA GLY E 84 6.72 3.17 -3.59
C GLY E 84 6.74 2.16 -4.71
N ILE E 85 7.05 2.59 -5.93
CA ILE E 85 7.14 1.64 -7.03
C ILE E 85 8.40 0.81 -6.80
N ARG E 86 8.25 -0.52 -6.81
CA ARG E 86 9.41 -1.37 -6.50
C ARG E 86 10.34 -1.46 -7.70
N TYR E 87 9.80 -1.76 -8.88
CA TYR E 87 10.60 -1.88 -10.08
C TYR E 87 9.69 -1.47 -11.24
N ILE E 88 10.28 -1.33 -12.42
CA ILE E 88 9.56 -0.96 -13.64
C ILE E 88 10.17 -1.77 -14.77
N GLN E 89 9.33 -2.41 -15.57
CA GLN E 89 9.81 -3.06 -16.78
C GLN E 89 9.56 -2.15 -17.97
N VAL E 90 10.53 -2.08 -18.88
CA VAL E 90 10.39 -1.22 -20.06
C VAL E 90 10.74 -2.01 -21.31
N LEU E 91 9.89 -1.88 -22.33
CA LEU E 91 10.01 -2.54 -23.61
C LEU E 91 10.13 -1.43 -24.62
N TRP E 92 11.25 -1.37 -25.34
CA TRP E 92 11.38 -0.44 -26.45
C TRP E 92 11.65 -1.26 -27.70
N LYS E 93 10.78 -1.15 -28.70
CA LYS E 93 10.83 -2.12 -29.77
C LYS E 93 10.54 -1.46 -31.09
N CYS E 94 11.03 -2.12 -32.13
CA CYS E 94 10.88 -1.76 -33.54
C CYS E 94 10.23 -2.95 -34.23
N THR E 95 9.45 -2.69 -35.27
CA THR E 95 8.77 -3.78 -35.95
C THR E 95 8.56 -3.38 -37.38
N VAL E 96 8.96 -4.24 -38.33
CA VAL E 96 8.54 -4.08 -39.71
C VAL E 96 8.00 -5.42 -40.21
N GLU E 97 6.72 -5.41 -40.60
CA GLU E 97 6.01 -6.55 -41.19
C GLU E 97 6.19 -6.54 -42.70
N ASN E 98 5.94 -5.40 -43.32
CA ASN E 98 6.09 -5.22 -44.75
C ASN E 98 7.17 -4.17 -45.01
N THR E 103 5.69 -1.51 -36.49
CA THR E 103 5.53 -0.28 -35.73
C THR E 103 6.64 -0.11 -34.69
N ALA E 104 7.02 1.14 -34.38
CA ALA E 104 7.83 1.43 -33.19
C ALA E 104 6.94 1.81 -32.01
N PHE E 105 7.06 1.02 -30.92
CA PHE E 105 6.40 1.22 -29.63
C PHE E 105 7.42 1.41 -28.52
N VAL E 106 7.02 2.05 -27.42
CA VAL E 106 7.77 2.00 -26.14
C VAL E 106 6.76 1.82 -25.00
N LYS E 107 6.80 0.67 -24.32
CA LYS E 107 5.83 0.32 -23.27
C LYS E 107 6.55 0.28 -21.93
N LEU E 108 5.96 0.90 -20.90
CA LEU E 108 6.48 0.76 -19.53
C LEU E 108 5.44 0.13 -18.61
N ASN E 109 5.84 -0.91 -17.90
CA ASN E 109 4.96 -1.57 -16.91
C ASN E 109 5.43 -1.19 -15.50
N VAL E 110 4.76 -0.18 -14.92
CA VAL E 110 5.02 0.37 -13.58
C VAL E 110 4.32 -0.51 -12.53
N HIS E 111 5.12 -1.15 -11.67
CA HIS E 111 4.67 -2.30 -10.90
C HIS E 111 3.49 -1.99 -9.98
N GLY E 112 2.38 -2.70 -10.19
CA GLY E 112 1.15 -2.40 -9.49
C GLY E 112 0.26 -1.39 -10.19
N LEU E 113 0.79 -0.68 -11.18
CA LEU E 113 0.09 0.39 -11.85
C LEU E 113 -0.21 0.04 -13.31
N GLY E 114 0.45 -0.98 -13.87
CA GLY E 114 0.08 -1.44 -15.20
C GLY E 114 0.87 -0.72 -16.25
N VAL E 115 0.53 -0.92 -17.52
CA VAL E 115 1.40 -0.48 -18.62
C VAL E 115 1.05 0.91 -19.17
N VAL E 116 2.04 1.81 -19.18
CA VAL E 116 2.03 2.98 -20.05
C VAL E 116 2.46 2.56 -21.46
N ASP E 117 1.51 2.52 -22.40
CA ASP E 117 1.75 2.14 -23.79
C ASP E 117 2.04 3.40 -24.61
N CYS E 118 3.19 3.44 -25.30
CA CYS E 118 3.53 4.56 -26.18
C CYS E 118 3.81 4.08 -27.61
N ASP E 119 3.10 4.63 -28.58
CA ASP E 119 3.35 4.38 -29.99
C ASP E 119 4.20 5.55 -30.53
N LEU E 120 5.40 5.22 -31.04
CA LEU E 120 6.34 6.28 -31.48
C LEU E 120 5.88 6.89 -32.80
N PHE E 121 5.11 6.16 -33.62
CA PHE E 121 4.66 6.77 -34.87
C PHE E 121 3.72 7.94 -34.61
N THR E 122 2.96 7.91 -33.52
CA THR E 122 2.02 8.98 -33.24
C THR E 122 2.44 9.89 -32.10
N VAL E 123 3.62 9.67 -31.53
CA VAL E 123 4.17 10.26 -30.29
C VAL E 123 3.03 10.63 -29.34
N ARG E 124 2.26 9.61 -28.89
CA ARG E 124 1.19 9.69 -27.90
C ARG E 124 1.30 8.50 -26.93
N CYS E 125 1.05 8.73 -25.64
CA CYS E 125 1.06 7.66 -24.63
C CYS E 125 -0.34 7.42 -24.08
N ARG E 126 -0.75 6.15 -24.09
CA ARG E 126 -2.06 5.73 -23.62
C ARG E 126 -1.83 4.83 -22.40
N GLY E 127 -2.70 4.95 -21.39
CA GLY E 127 -2.58 4.13 -20.21
C GLY E 127 -3.42 2.86 -20.33
N LEU E 128 -2.82 1.75 -19.88
CA LEU E 128 -3.45 0.45 -20.08
C LEU E 128 -3.85 -0.21 -18.78
N GLY E 129 -3.48 0.37 -17.64
CA GLY E 129 -3.89 -0.14 -16.34
C GLY E 129 -4.40 0.97 -15.44
N VAL E 130 -3.57 1.40 -14.47
CA VAL E 130 -4.01 2.41 -13.52
C VAL E 130 -3.54 3.79 -13.96
N PHE E 131 -4.44 4.77 -13.78
CA PHE E 131 -4.23 6.14 -14.28
C PHE E 131 -3.40 7.00 -13.32
N SER E 132 -2.43 7.69 -13.90
CA SER E 132 -1.41 8.40 -13.16
C SER E 132 -0.88 9.51 -14.04
N VAL E 133 -0.35 10.52 -13.36
CA VAL E 133 0.41 11.56 -14.04
C VAL E 133 1.55 11.00 -14.91
N LEU E 134 2.07 9.77 -14.63
CA LEU E 134 3.09 9.17 -15.52
C LEU E 134 2.66 9.11 -17.00
N ILE E 135 1.44 8.66 -17.29
CA ILE E 135 0.98 8.48 -18.68
C ILE E 135 1.31 9.70 -19.52
N GLY E 136 0.95 10.87 -19.01
CA GLY E 136 1.11 12.08 -19.80
C GLY E 136 2.43 12.73 -19.49
N MET E 137 2.99 12.42 -18.31
CA MET E 137 4.34 12.90 -18.04
C MET E 137 5.29 12.39 -19.12
N ILE E 138 5.15 11.10 -19.45
CA ILE E 138 6.02 10.45 -20.43
C ILE E 138 5.63 10.92 -21.83
N GLU E 139 4.32 11.14 -22.07
CA GLU E 139 3.92 11.73 -23.36
C GLU E 139 4.57 13.10 -23.56
N ASP E 140 4.72 13.89 -22.51
CA ASP E 140 5.37 15.18 -22.64
C ASP E 140 6.88 15.07 -22.78
N ILE E 141 7.52 14.16 -22.04
CA ILE E 141 8.97 13.96 -22.18
C ILE E 141 9.29 13.52 -23.60
N LEU E 142 8.42 12.66 -24.16
CA LEU E 142 8.57 12.18 -25.53
C LEU E 142 8.22 13.22 -26.59
N LYS E 143 7.25 14.08 -26.34
CA LYS E 143 6.80 14.94 -27.41
C LYS E 143 7.61 16.24 -27.46
N ASN E 144 8.36 16.57 -26.41
CA ASN E 144 9.14 17.82 -26.35
C ASN E 144 10.61 17.63 -26.65
N ASP E 145 11.01 16.48 -27.19
CA ASP E 145 12.43 16.21 -27.42
C ASP E 145 12.53 15.27 -28.60
N PRO E 146 12.55 15.81 -29.83
CA PRO E 146 12.44 14.93 -31.00
C PRO E 146 13.75 14.30 -31.46
N THR E 147 14.91 14.77 -30.96
CA THR E 147 16.08 13.93 -31.05
C THR E 147 15.77 12.59 -30.40
N PHE E 148 15.04 12.63 -29.29
CA PHE E 148 14.67 11.40 -28.59
C PHE E 148 13.88 10.49 -29.53
N ILE E 149 12.84 11.02 -30.21
CA ILE E 149 11.94 10.08 -30.91
C ILE E 149 12.66 9.50 -32.11
N GLN E 150 13.69 10.19 -32.64
CA GLN E 150 14.43 9.64 -33.78
C GLN E 150 15.41 8.58 -33.33
N LEU E 151 16.05 8.77 -32.17
CA LEU E 151 16.80 7.71 -31.50
C LEU E 151 15.96 6.45 -31.20
N LEU E 152 14.64 6.59 -30.99
CA LEU E 152 13.70 5.49 -30.76
C LEU E 152 12.97 4.97 -31.97
N ASN E 153 12.55 5.85 -32.87
CA ASN E 153 11.72 5.27 -33.91
C ASN E 153 12.57 5.18 -35.18
N PRO E 154 12.95 6.32 -35.81
CA PRO E 154 13.79 6.22 -37.02
C PRO E 154 15.05 5.42 -36.79
N ARG E 155 15.93 5.92 -35.90
CA ARG E 155 17.25 5.32 -35.78
C ARG E 155 17.14 3.83 -35.44
N CYS E 156 16.32 3.49 -34.46
CA CYS E 156 16.09 2.08 -34.13
C CYS E 156 15.64 1.28 -35.36
N VAL E 157 14.73 1.84 -36.18
CA VAL E 157 14.37 1.20 -37.45
C VAL E 157 15.62 0.85 -38.25
N GLU E 158 16.56 1.78 -38.30
CA GLU E 158 17.79 1.57 -39.06
C GLU E 158 18.67 0.51 -38.41
N ASN E 159 18.93 0.61 -37.09
CA ASN E 159 19.76 -0.44 -36.47
C ASN E 159 19.07 -1.79 -36.56
N LEU E 160 17.73 -1.82 -36.65
CA LEU E 160 17.07 -3.11 -36.83
C LEU E 160 17.52 -3.76 -38.12
N GLN E 161 17.52 -3.01 -39.23
CA GLN E 161 17.98 -3.63 -40.47
C GLN E 161 19.48 -3.91 -40.45
N THR E 162 20.26 -3.14 -39.68
CA THR E 162 21.70 -3.41 -39.55
C THR E 162 21.94 -4.75 -38.85
N VAL E 163 21.32 -4.95 -37.69
CA VAL E 163 21.47 -6.18 -36.92
C VAL E 163 20.69 -7.33 -37.56
N LEU E 164 19.72 -7.04 -38.43
CA LEU E 164 19.07 -8.07 -39.24
C LEU E 164 19.86 -8.40 -40.50
N ARG E 165 20.63 -7.45 -41.04
CA ARG E 165 21.42 -7.73 -42.25
C ARG E 165 22.61 -8.61 -41.90
N ALA E 166 23.42 -8.19 -40.91
CA ALA E 166 24.28 -9.14 -40.24
C ALA E 166 23.38 -10.06 -39.43
N GLY E 167 22.61 -10.88 -40.14
CA GLY E 167 21.44 -11.54 -39.59
C GLY E 167 21.20 -12.82 -40.32
N LYS E 168 20.00 -13.38 -40.12
CA LYS E 168 19.54 -14.57 -40.84
C LYS E 168 20.42 -15.78 -40.58
N THR E 169 21.74 -15.60 -40.63
CA THR E 169 22.72 -16.66 -40.41
C THR E 169 22.32 -17.48 -39.20
N ALA E 170 21.91 -16.81 -38.13
CA ALA E 170 21.46 -17.51 -36.94
C ALA E 170 19.96 -17.80 -36.94
N LEU E 171 19.19 -17.18 -37.84
CA LEU E 171 17.75 -17.39 -37.86
C LEU E 171 17.34 -18.75 -38.45
N GLU E 172 18.28 -19.51 -39.03
CA GLU E 172 17.94 -20.78 -39.65
C GLU E 172 18.46 -21.94 -38.83
N SER E 185 4.25 -40.14 -16.15
CA SER E 185 4.34 -40.61 -14.76
C SER E 185 3.10 -40.24 -13.98
N SER E 186 2.47 -41.25 -13.38
CA SER E 186 1.22 -41.09 -12.65
C SER E 186 1.48 -40.96 -11.15
N THR E 187 2.17 -39.88 -10.76
CA THR E 187 2.57 -39.66 -9.38
C THR E 187 1.64 -38.66 -8.69
N ALA E 188 2.17 -37.85 -7.76
CA ALA E 188 1.36 -36.82 -7.10
C ALA E 188 0.98 -35.73 -8.10
N GLU E 189 -0.27 -35.26 -7.99
CA GLU E 189 -0.88 -34.29 -8.91
C GLU E 189 -1.10 -34.86 -10.32
N MET E 190 -1.45 -36.14 -10.41
CA MET E 190 -1.59 -36.76 -11.74
C MET E 190 -2.40 -38.05 -11.57
N SER E 191 -2.85 -38.59 -12.71
CA SER E 191 -3.68 -39.79 -12.78
C SER E 191 -3.32 -40.65 -14.00
N THR E 192 -3.60 -40.14 -15.20
CA THR E 192 -3.38 -40.87 -16.45
C THR E 192 -2.90 -39.89 -17.53
N PRO E 193 -1.58 -39.70 -17.68
CA PRO E 193 -1.13 -38.68 -18.64
C PRO E 193 -0.95 -39.21 -20.06
N THR E 222 -1.73 -31.56 -22.99
CA THR E 222 -1.50 -30.24 -22.41
C THR E 222 -0.15 -29.72 -22.91
N VAL E 223 0.01 -28.40 -23.01
CA VAL E 223 1.15 -27.76 -23.64
C VAL E 223 2.11 -27.22 -22.58
N MET E 224 3.42 -27.22 -22.91
CA MET E 224 4.43 -26.58 -22.06
C MET E 224 5.69 -26.35 -22.89
N VAL E 225 5.90 -25.09 -23.32
CA VAL E 225 7.09 -24.73 -24.10
C VAL E 225 8.19 -24.23 -23.16
N LEU E 226 9.38 -24.80 -23.29
CA LEU E 226 10.46 -24.42 -22.39
C LEU E 226 11.75 -24.29 -23.19
N PRO E 227 12.65 -23.34 -22.81
CA PRO E 227 13.90 -23.18 -23.57
C PRO E 227 15.10 -23.87 -22.95
N ASN E 228 16.00 -24.34 -23.82
CA ASN E 228 17.33 -24.81 -23.46
C ASN E 228 18.38 -23.90 -24.12
N HIS E 229 19.60 -24.37 -24.26
CA HIS E 229 20.59 -23.56 -24.97
C HIS E 229 20.25 -23.59 -26.46
N ASP E 230 19.53 -22.55 -26.91
CA ASP E 230 19.06 -22.26 -28.30
C ASP E 230 17.74 -22.92 -28.70
N ALA E 231 17.01 -23.54 -27.77
CA ALA E 231 15.68 -24.12 -28.02
C ALA E 231 15.67 -25.12 -29.17
N THR E 232 15.00 -24.76 -30.28
CA THR E 232 14.97 -25.57 -31.51
C THR E 232 15.20 -24.72 -32.77
N GLY F 2 3.08 -14.64 -6.60
CA GLY F 2 3.68 -15.08 -7.86
C GLY F 2 4.98 -15.81 -7.65
N SER F 3 4.89 -17.14 -7.54
CA SER F 3 5.84 -18.18 -7.17
C SER F 3 6.57 -18.71 -8.42
N PRO F 4 7.87 -19.04 -8.25
CA PRO F 4 8.69 -19.46 -9.42
C PRO F 4 8.24 -20.79 -10.03
N ASN F 5 8.20 -20.84 -11.37
CA ASN F 5 7.95 -22.08 -12.13
C ASN F 5 9.29 -22.57 -12.71
N VAL F 6 10.02 -23.38 -11.93
CA VAL F 6 11.38 -23.84 -12.26
C VAL F 6 11.33 -25.30 -12.70
N GLN F 7 11.92 -25.61 -13.86
CA GLN F 7 11.97 -26.95 -14.45
C GLN F 7 13.41 -27.31 -14.81
N VAL F 8 13.63 -28.57 -15.24
CA VAL F 8 14.95 -28.98 -15.77
C VAL F 8 14.85 -30.05 -16.88
N CYS F 24 18.38 -25.71 -14.92
CA CYS F 24 17.02 -25.37 -14.47
C CYS F 24 16.62 -23.98 -14.95
N HIS F 25 15.31 -23.75 -15.14
CA HIS F 25 14.77 -22.52 -15.72
C HIS F 25 13.57 -22.02 -14.90
N ALA F 26 13.76 -20.88 -14.22
CA ALA F 26 12.71 -20.20 -13.48
C ALA F 26 12.02 -19.14 -14.36
N LYS F 27 10.80 -18.76 -13.97
CA LYS F 27 9.92 -17.93 -14.79
C LYS F 27 8.75 -17.49 -13.93
N ASP F 28 8.11 -16.38 -14.33
CA ASP F 28 6.91 -15.84 -13.65
C ASP F 28 7.10 -15.64 -12.15
N PHE F 29 8.25 -15.14 -11.73
CA PHE F 29 8.45 -14.89 -10.31
C PHE F 29 8.27 -13.41 -10.03
N SER F 30 7.68 -13.09 -8.87
CA SER F 30 7.17 -11.73 -8.81
C SER F 30 8.26 -10.75 -8.42
N PRO F 31 8.85 -10.79 -7.23
CA PRO F 31 10.06 -10.03 -7.04
C PRO F 31 11.15 -10.60 -7.94
N PRO F 32 11.90 -9.76 -8.65
CA PRO F 32 12.95 -10.28 -9.54
C PRO F 32 14.23 -10.72 -8.83
N ASN F 33 14.30 -10.54 -7.51
CA ASN F 33 15.40 -11.07 -6.70
C ASN F 33 15.23 -12.59 -6.63
N ILE F 34 16.03 -13.30 -7.41
CA ILE F 34 16.06 -14.75 -7.41
C ILE F 34 17.51 -15.18 -7.50
N LYS F 35 17.87 -16.22 -6.76
CA LYS F 35 19.17 -16.87 -6.90
C LYS F 35 18.96 -18.33 -7.24
N LEU F 36 19.61 -18.78 -8.30
CA LEU F 36 19.65 -20.17 -8.69
C LEU F 36 20.98 -20.80 -8.27
N GLU F 37 21.01 -22.14 -8.25
CA GLU F 37 22.22 -22.92 -7.98
C GLU F 37 22.36 -24.03 -9.02
N LEU F 38 23.52 -24.68 -9.02
CA LEU F 38 23.99 -25.58 -10.10
C LEU F 38 24.48 -24.79 -11.32
N ASN F 41 26.05 -33.91 -1.86
CA ASN F 41 25.06 -34.13 -2.92
C ASN F 41 24.47 -32.81 -3.43
N GLY F 42 24.98 -31.68 -2.93
CA GLY F 42 24.54 -30.40 -3.42
C GLY F 42 25.37 -30.02 -4.63
N ARG F 43 24.77 -30.03 -5.82
CA ARG F 43 25.53 -29.99 -7.08
C ARG F 43 26.05 -28.58 -7.33
N ILE F 44 26.95 -28.12 -6.46
CA ILE F 44 27.49 -26.77 -6.55
C ILE F 44 28.66 -26.71 -7.54
N ILE F 45 28.35 -26.63 -8.84
CA ILE F 45 29.34 -26.83 -9.88
C ILE F 45 29.57 -25.49 -10.60
N PRO F 46 30.76 -24.87 -10.46
CA PRO F 46 31.18 -23.60 -11.11
C PRO F 46 31.86 -23.75 -12.48
N GLN F 50 24.64 -18.61 -14.37
CA GLN F 50 23.37 -17.88 -14.55
C GLN F 50 23.31 -17.33 -15.99
N SER F 51 22.10 -17.31 -16.57
CA SER F 51 21.88 -16.51 -17.77
C SER F 51 21.66 -15.06 -17.34
N ASP F 52 21.20 -14.25 -18.27
CA ASP F 52 20.90 -12.85 -17.98
C ASP F 52 19.43 -12.71 -17.61
N LEU F 53 19.17 -12.03 -16.50
CA LEU F 53 17.79 -11.86 -16.07
C LEU F 53 17.07 -10.95 -17.06
N SER F 54 16.04 -11.46 -17.70
CA SER F 54 15.08 -10.56 -18.32
C SER F 54 13.64 -11.02 -18.11
N PHE F 55 12.81 -10.78 -19.12
CA PHE F 55 11.39 -11.11 -19.06
C PHE F 55 10.89 -11.30 -20.47
N GLU F 56 9.60 -11.66 -20.56
CA GLU F 56 8.98 -11.79 -21.90
C GLU F 56 7.92 -10.70 -22.03
N SER F 57 7.50 -10.40 -23.26
CA SER F 57 6.51 -9.35 -23.51
C SER F 57 5.27 -9.42 -22.61
N ASP F 58 4.98 -10.58 -22.02
CA ASP F 58 3.91 -10.68 -21.04
C ASP F 58 4.34 -10.19 -19.65
N TRP F 59 5.60 -9.78 -19.48
CA TRP F 59 6.22 -9.19 -18.28
C TRP F 59 6.60 -10.20 -17.20
N SER F 60 6.49 -11.50 -17.50
CA SER F 60 6.84 -12.53 -16.55
C SER F 60 8.32 -12.81 -16.71
N PHE F 61 9.04 -12.73 -15.60
CA PHE F 61 10.48 -12.75 -15.67
C PHE F 61 10.94 -14.13 -16.14
N LYS F 62 12.27 -14.31 -16.24
CA LYS F 62 12.84 -15.54 -16.77
C LYS F 62 14.36 -15.55 -16.61
N LEU F 63 14.91 -16.72 -16.24
CA LEU F 63 16.32 -16.90 -15.90
C LEU F 63 16.66 -18.38 -16.08
N THR F 64 17.97 -18.68 -16.08
CA THR F 64 18.44 -20.05 -16.29
C THR F 64 19.81 -20.24 -15.63
N ARG F 65 20.24 -21.52 -15.53
CA ARG F 65 21.51 -21.85 -14.87
C ARG F 65 22.37 -22.80 -15.68
N TYR F 66 23.69 -22.57 -15.65
CA TYR F 66 24.67 -23.22 -16.53
C TYR F 66 25.23 -24.49 -15.93
N VAL F 67 25.00 -25.62 -16.61
CA VAL F 67 25.24 -26.96 -16.10
C VAL F 67 25.99 -27.77 -17.17
N GLU F 68 27.27 -28.04 -16.92
CA GLU F 68 28.12 -28.82 -17.84
C GLU F 68 27.98 -30.32 -17.52
N PHE F 69 26.98 -30.97 -18.14
CA PHE F 69 26.52 -32.30 -17.76
C PHE F 69 27.64 -33.33 -17.65
N THR F 70 27.96 -33.73 -16.42
CA THR F 70 28.87 -34.85 -16.19
C THR F 70 28.03 -36.08 -15.88
N PRO F 71 27.87 -37.01 -16.84
CA PRO F 71 27.09 -38.23 -16.54
C PRO F 71 27.81 -39.15 -15.56
N GLN F 72 27.37 -39.18 -14.29
CA GLN F 72 28.00 -40.06 -13.29
C GLN F 72 27.03 -41.14 -12.83
N SER F 73 26.48 -41.04 -11.61
CA SER F 73 25.63 -42.12 -11.10
C SER F 73 24.16 -41.72 -11.01
N GLY F 74 23.45 -42.20 -9.99
CA GLY F 74 22.05 -41.89 -9.79
C GLY F 74 21.77 -41.23 -8.46
N TYR F 75 21.22 -40.02 -8.49
CA TYR F 75 21.08 -39.19 -7.29
C TYR F 75 19.62 -38.76 -7.07
N SER F 78 21.49 -30.52 -6.63
CA SER F 78 20.92 -30.20 -7.95
C SER F 78 20.84 -28.69 -8.16
N CYS F 79 19.63 -28.19 -8.41
CA CYS F 79 19.36 -26.77 -8.63
C CYS F 79 18.53 -26.22 -7.47
N MET F 80 19.17 -25.39 -6.66
CA MET F 80 18.58 -24.73 -5.49
C MET F 80 18.08 -23.35 -5.91
N VAL F 81 16.80 -23.06 -5.64
CA VAL F 81 16.15 -21.84 -6.12
C VAL F 81 15.82 -20.97 -4.92
N THR F 82 16.61 -19.91 -4.70
CA THR F 82 16.36 -18.93 -3.65
C THR F 82 15.53 -17.77 -4.23
N HIS F 83 14.31 -17.58 -3.72
CA HIS F 83 13.40 -16.54 -4.17
C HIS F 83 12.65 -15.95 -2.99
N ASN F 84 12.51 -14.62 -2.98
CA ASN F 84 12.04 -13.79 -1.86
C ASN F 84 12.15 -14.53 -0.53
N GLY F 85 13.37 -14.89 -0.15
CA GLY F 85 13.61 -15.53 1.14
C GLY F 85 13.26 -17.00 1.27
N ASP F 86 13.29 -17.77 0.17
CA ASP F 86 12.78 -19.14 0.16
C ASP F 86 13.66 -20.00 -0.77
N SER F 87 14.40 -20.98 -0.20
CA SER F 87 15.38 -21.77 -0.95
C SER F 87 14.83 -23.19 -1.22
N LYS F 88 14.22 -23.42 -2.42
CA LYS F 88 13.61 -24.71 -2.80
C LYS F 88 14.41 -25.48 -3.85
N GLU F 89 14.49 -26.80 -3.68
CA GLU F 89 15.17 -27.67 -4.63
C GLU F 89 14.19 -28.28 -5.64
N ILE F 90 14.71 -28.54 -6.84
CA ILE F 90 13.98 -29.25 -7.86
C ILE F 90 14.91 -30.30 -8.45
N GLN F 91 14.35 -31.45 -8.84
CA GLN F 91 15.09 -32.44 -9.61
C GLN F 91 14.09 -33.32 -10.35
N LEU F 92 14.25 -33.42 -11.67
CA LEU F 92 13.41 -34.27 -12.51
C LEU F 92 14.20 -34.66 -13.76
#